data_4R6J
#
_entry.id   4R6J
#
_cell.length_a   89.775
_cell.length_b   96.498
_cell.length_c   136.345
_cell.angle_alpha   90.00
_cell.angle_beta   90.00
_cell.angle_gamma   90.00
#
_symmetry.space_group_name_H-M   'P 21 21 21'
#
loop_
_entity.id
_entity.type
_entity.pdbx_description
1 polymer 'Lucine rich repeats DLRR_H'
2 non-polymer 'SULFATE ION'
3 water water
#
_entity_poly.entity_id   1
_entity_poly.type   'polypeptide(L)'
_entity_poly.pdbx_seq_one_letter_code
;TITVSTPIKQIFPDDAFAETIKANLKKKSVTDAVTQNELNSIDQIIANNSDIKSVQGIQYLPNVRYLALGGNKLHDISAL
KELTNLGWLNLSNNQLETLPQGVFEKLTNLTTLNLSNNQLTSLPQGVFERLASLTTLNLSNNNLANLNDKVFEGLTNLTT
LNLSNNNLARLWKHANPGGPIYFLKGLTNLTTLNLSNNGFDEFPKEVFKDLTSLTTLNLSNNQLTSLPQGVFERLTNLKT
LNLSNNQLQSLPTA
;
_entity_poly.pdbx_strand_id   A,B,C,D
#
loop_
_chem_comp.id
_chem_comp.type
_chem_comp.name
_chem_comp.formula
SO4 non-polymer 'SULFATE ION' 'O4 S -2'
#
# COMPACT_ATOMS: atom_id res chain seq x y z
N THR A 1 24.64 11.20 21.80
CA THR A 1 25.65 10.11 22.14
C THR A 1 26.50 10.28 23.41
N ILE A 2 26.56 9.21 24.20
CA ILE A 2 27.27 9.08 25.47
C ILE A 2 28.40 8.09 25.22
N THR A 3 29.54 8.31 25.83
CA THR A 3 30.69 7.43 25.62
C THR A 3 31.13 6.65 26.87
N VAL A 4 30.51 6.96 28.01
CA VAL A 4 30.76 6.25 29.26
C VAL A 4 29.47 6.10 30.05
N SER A 5 29.42 5.17 30.98
CA SER A 5 28.19 4.94 31.73
C SER A 5 27.89 6.21 32.58
N THR A 6 26.69 6.75 32.44
CA THR A 6 26.29 8.00 33.06
C THR A 6 24.97 7.88 33.82
N PRO A 7 24.82 8.60 34.95
CA PRO A 7 23.53 8.56 35.62
C PRO A 7 22.40 9.09 34.77
N ILE A 8 21.22 8.49 34.95
CA ILE A 8 19.99 8.86 34.25
C ILE A 8 19.59 10.28 34.64
N LYS A 9 19.60 10.57 35.94
CA LYS A 9 19.23 11.89 36.43
C LYS A 9 20.08 12.99 35.79
N GLN A 10 21.29 12.63 35.35
CA GLN A 10 22.20 13.59 34.73
C GLN A 10 21.83 13.97 33.30
N ILE A 11 21.48 12.96 32.52
CA ILE A 11 21.11 13.17 31.13
C ILE A 11 19.71 13.78 31.03
N PHE A 12 18.81 13.32 31.92
CA PHE A 12 17.40 13.70 31.92
C PHE A 12 17.11 14.51 33.17
N PRO A 13 17.43 15.80 33.13
CA PRO A 13 17.22 16.69 34.26
C PRO A 13 15.80 16.71 34.89
N ASP A 14 14.75 16.61 34.10
CA ASP A 14 13.40 16.63 34.62
C ASP A 14 13.10 15.35 35.40
N ASP A 15 12.61 15.50 36.64
CA ASP A 15 12.39 14.35 37.55
C ASP A 15 11.37 13.37 36.96
N ALA A 16 10.17 13.87 36.66
CA ALA A 16 9.14 13.06 36.06
C ALA A 16 9.67 12.28 34.89
N PHE A 17 10.41 12.93 34.01
CA PHE A 17 10.90 12.28 32.78
C PHE A 17 12.01 11.30 33.07
N ALA A 18 12.89 11.67 34.00
CA ALA A 18 13.94 10.76 34.45
C ALA A 18 13.36 9.45 34.96
N GLU A 19 12.36 9.52 35.84
CA GLU A 19 11.70 8.32 36.36
C GLU A 19 11.09 7.50 35.25
N THR A 20 10.59 8.19 34.23
CA THR A 20 10.02 7.50 33.08
C THR A 20 11.07 6.62 32.42
N ILE A 21 12.21 7.22 32.09
CA ILE A 21 13.32 6.51 31.50
C ILE A 21 13.79 5.38 32.39
N LYS A 22 13.85 5.64 33.70
CA LYS A 22 14.22 4.61 34.64
C LYS A 22 13.34 3.39 34.45
N ALA A 23 12.03 3.60 34.54
CA ALA A 23 11.05 2.53 34.41
C ALA A 23 11.18 1.75 33.10
N ASN A 24 11.41 2.47 32.00
CA ASN A 24 11.57 1.80 30.71
C ASN A 24 12.87 1.04 30.56
N LEU A 25 13.89 1.42 31.31
CA LEU A 25 15.13 0.65 31.34
C LEU A 25 15.19 -0.37 32.46
N LYS A 26 14.18 -0.36 33.31
CA LYS A 26 14.05 -1.34 34.41
C LYS A 26 15.20 -1.22 35.41
N LYS A 27 15.53 0.04 35.74
CA LYS A 27 16.54 0.35 36.74
C LYS A 27 15.86 0.65 38.06
N LYS A 28 16.58 0.43 39.15
CA LYS A 28 16.01 0.62 40.48
C LYS A 28 16.00 2.08 40.88
N SER A 29 17.08 2.79 40.57
CA SER A 29 17.21 4.20 40.91
C SER A 29 17.43 5.07 39.72
N VAL A 30 17.01 6.31 39.86
CA VAL A 30 17.21 7.32 38.82
C VAL A 30 18.67 7.78 38.76
N THR A 31 19.46 7.44 39.77
CA THR A 31 20.88 7.72 39.74
C THR A 31 21.70 6.63 39.12
N ASP A 32 21.11 5.48 38.82
CA ASP A 32 21.86 4.38 38.24
C ASP A 32 22.45 4.80 36.94
N ALA A 33 23.69 4.39 36.74
CA ALA A 33 24.41 4.71 35.51
C ALA A 33 23.93 3.82 34.36
N VAL A 34 24.02 4.37 33.15
CA VAL A 34 23.52 3.70 31.95
C VAL A 34 24.45 3.97 30.80
N THR A 35 24.44 3.02 29.87
CA THR A 35 25.30 3.09 28.72
C THR A 35 24.52 3.47 27.47
N GLN A 36 25.20 4.06 26.49
CA GLN A 36 24.56 4.42 25.22
C GLN A 36 23.79 3.23 24.62
N ASN A 37 24.39 2.03 24.73
CA ASN A 37 23.69 0.80 24.38
C ASN A 37 22.33 0.62 25.01
N GLU A 38 22.24 0.80 26.32
CA GLU A 38 20.98 0.68 27.00
C GLU A 38 19.99 1.71 26.47
N LEU A 39 20.45 2.91 26.14
CA LEU A 39 19.57 3.94 25.61
C LEU A 39 19.14 3.65 24.19
N ASN A 40 20.00 2.98 23.43
CA ASN A 40 19.62 2.56 22.06
C ASN A 40 18.49 1.55 22.05
N SER A 41 18.27 0.85 23.16
CA SER A 41 17.26 -0.22 23.22
C SER A 41 15.86 0.36 23.30
N ILE A 42 15.76 1.63 23.65
CA ILE A 42 14.47 2.27 23.80
C ILE A 42 13.94 2.71 22.44
N ASP A 43 12.83 2.10 22.05
CA ASP A 43 12.17 2.43 20.78
C ASP A 43 10.76 2.99 20.95
N GLN A 44 10.30 3.11 22.19
CA GLN A 44 9.06 3.80 22.44
C GLN A 44 9.06 4.36 23.84
N ILE A 45 8.28 5.42 24.02
CA ILE A 45 8.07 5.99 25.32
C ILE A 45 6.64 6.43 25.40
N ILE A 46 5.96 5.95 26.42
CA ILE A 46 4.57 6.24 26.61
C ILE A 46 4.44 6.86 27.97
N ALA A 47 4.26 8.18 28.01
CA ALA A 47 4.26 8.91 29.25
C ALA A 47 3.22 9.99 29.26
N ASN A 48 1.97 9.62 29.09
CA ASN A 48 0.91 10.61 29.15
C ASN A 48 0.64 11.00 30.60
N ASN A 49 0.20 12.24 30.78
CA ASN A 49 -0.28 12.71 32.09
C ASN A 49 0.71 12.42 33.18
N SER A 50 1.97 12.62 32.86
CA SER A 50 3.06 12.31 33.76
C SER A 50 3.69 13.54 34.37
N ASP A 51 3.09 14.70 34.17
CA ASP A 51 3.63 15.96 34.72
C ASP A 51 5.04 16.38 34.22
N ILE A 52 5.48 15.85 33.08
CA ILE A 52 6.78 16.16 32.51
C ILE A 52 6.86 17.59 32.02
N LYS A 53 7.82 18.36 32.53
CA LYS A 53 7.98 19.76 32.13
C LYS A 53 8.98 19.96 31.01
N SER A 54 9.93 19.04 30.89
CA SER A 54 10.96 19.09 29.87
C SER A 54 11.36 17.68 29.47
N VAL A 55 11.54 17.45 28.16
CA VAL A 55 12.11 16.20 27.66
C VAL A 55 13.59 16.33 27.27
N GLN A 56 14.29 17.31 27.82
CA GLN A 56 15.74 17.36 27.71
C GLN A 56 16.38 16.00 28.08
N GLY A 57 17.26 15.55 27.21
CA GLY A 57 17.91 14.25 27.33
C GLY A 57 17.39 13.28 26.29
N ILE A 58 16.17 13.49 25.83
CA ILE A 58 15.62 12.64 24.80
C ILE A 58 16.48 12.61 23.53
N GLN A 59 17.38 13.57 23.39
CA GLN A 59 18.33 13.60 22.25
C GLN A 59 19.14 12.34 22.14
N TYR A 60 19.37 11.68 23.26
CA TYR A 60 20.20 10.48 23.32
C TYR A 60 19.47 9.16 23.05
N LEU A 61 18.15 9.20 22.81
CA LEU A 61 17.40 8.04 22.35
C LEU A 61 17.20 8.05 20.83
N PRO A 62 18.22 7.67 20.08
CA PRO A 62 18.08 7.73 18.63
C PRO A 62 17.00 6.86 18.02
N ASN A 63 16.53 5.84 18.72
CA ASN A 63 15.72 4.81 18.07
C ASN A 63 14.31 4.84 18.52
N VAL A 64 13.87 5.97 19.07
CA VAL A 64 12.50 6.10 19.43
C VAL A 64 11.66 6.19 18.16
N ARG A 65 10.57 5.42 18.15
CA ARG A 65 9.63 5.42 17.04
C ARG A 65 8.26 5.88 17.45
N TYR A 66 7.89 5.62 18.69
CA TYR A 66 6.56 5.94 19.16
C TYR A 66 6.66 6.74 20.44
N LEU A 67 6.24 7.98 20.39
CA LEU A 67 6.42 8.87 21.50
C LEU A 67 5.08 9.49 21.88
N ALA A 68 4.60 9.20 23.09
CA ALA A 68 3.32 9.69 23.58
C ALA A 68 3.50 10.58 24.79
N LEU A 69 3.48 11.88 24.58
CA LEU A 69 3.71 12.81 25.68
C LEU A 69 2.51 13.68 25.96
N GLY A 70 1.33 13.15 25.69
CA GLY A 70 0.12 13.93 25.87
C GLY A 70 -0.15 14.16 27.33
N GLY A 71 -0.67 15.33 27.65
CA GLY A 71 -1.20 15.58 28.97
C GLY A 71 -0.13 16.01 29.93
N ASN A 72 1.02 16.38 29.38
CA ASN A 72 2.11 16.88 30.21
C ASN A 72 2.09 18.38 30.24
N LYS A 73 3.19 19.01 30.61
CA LYS A 73 3.31 20.47 30.63
C LYS A 73 4.48 20.94 29.81
N LEU A 74 4.65 20.39 28.62
CA LEU A 74 5.75 20.79 27.76
C LEU A 74 5.50 22.14 27.13
N HIS A 75 6.45 23.07 27.28
CA HIS A 75 6.40 24.38 26.60
C HIS A 75 7.38 24.48 25.40
N ASP A 76 8.35 23.57 25.33
CA ASP A 76 9.37 23.54 24.28
C ASP A 76 9.58 22.10 23.80
N ILE A 77 9.79 21.90 22.50
CA ILE A 77 9.99 20.57 21.95
C ILE A 77 11.22 20.49 21.03
N SER A 78 12.14 21.42 21.17
CA SER A 78 13.24 21.47 20.24
C SER A 78 14.13 20.24 20.36
N ALA A 79 14.01 19.51 21.46
CA ALA A 79 14.86 18.35 21.69
C ALA A 79 14.48 17.15 20.82
N LEU A 80 13.37 17.24 20.09
CA LEU A 80 12.94 16.16 19.19
C LEU A 80 13.50 16.36 17.80
N LYS A 81 14.21 17.47 17.60
CA LYS A 81 14.69 17.82 16.27
C LYS A 81 15.38 16.69 15.52
N GLU A 82 16.00 15.78 16.24
CA GLU A 82 16.91 14.84 15.61
C GLU A 82 16.48 13.37 15.74
N LEU A 83 15.33 13.12 16.33
CA LEU A 83 14.81 11.75 16.43
C LEU A 83 14.25 11.34 15.09
N THR A 84 15.13 10.95 14.17
CA THR A 84 14.74 10.78 12.78
C THR A 84 13.93 9.52 12.53
N ASN A 85 13.89 8.60 13.48
CA ASN A 85 13.10 7.39 13.31
C ASN A 85 11.71 7.48 13.88
N LEU A 86 11.36 8.65 14.36
CA LEU A 86 10.08 8.87 14.92
C LEU A 86 9.04 8.64 13.86
N GLY A 87 8.02 7.89 14.24
CA GLY A 87 6.87 7.60 13.40
C GLY A 87 5.55 8.07 14.00
N TRP A 88 5.43 8.08 15.33
CA TRP A 88 4.20 8.52 16.03
C TRP A 88 4.52 9.53 17.11
N LEU A 89 3.92 10.70 17.04
CA LEU A 89 4.20 11.75 18.02
C LEU A 89 2.92 12.40 18.51
N ASN A 90 2.60 12.20 19.80
CA ASN A 90 1.44 12.83 20.39
C ASN A 90 1.90 13.85 21.41
N LEU A 91 1.72 15.11 21.08
CA LEU A 91 2.00 16.19 21.97
C LEU A 91 0.73 16.93 22.42
N SER A 92 -0.39 16.24 22.45
CA SER A 92 -1.65 16.92 22.77
C SER A 92 -1.69 17.36 24.22
N ASN A 93 -2.57 18.30 24.54
CA ASN A 93 -2.73 18.77 25.90
C ASN A 93 -1.46 19.10 26.64
N ASN A 94 -0.61 19.86 25.98
CA ASN A 94 0.51 20.43 26.65
C ASN A 94 0.30 21.93 26.69
N GLN A 95 1.36 22.71 26.74
CA GLN A 95 1.22 24.15 26.72
C GLN A 95 2.14 24.72 25.67
N LEU A 96 2.07 24.19 24.46
CA LEU A 96 2.83 24.76 23.39
C LEU A 96 2.14 26.01 22.88
N GLU A 97 2.84 27.14 22.94
CA GLU A 97 2.31 28.38 22.39
C GLU A 97 2.81 28.63 20.97
N THR A 98 3.78 27.83 20.56
CA THR A 98 4.56 28.11 19.37
C THR A 98 5.50 26.95 19.07
N LEU A 99 5.97 26.81 17.82
CA LEU A 99 6.91 25.74 17.46
C LEU A 99 8.17 26.37 16.93
N PRO A 100 9.31 25.73 17.19
CA PRO A 100 10.55 26.21 16.56
C PRO A 100 10.48 26.12 15.04
N GLN A 101 11.19 27.02 14.38
CA GLN A 101 11.43 26.92 12.96
C GLN A 101 12.07 25.56 12.72
N GLY A 102 11.56 24.82 11.77
CA GLY A 102 12.21 23.57 11.39
C GLY A 102 12.35 22.47 12.42
N VAL A 103 11.55 22.52 13.47
CA VAL A 103 11.58 21.44 14.43
C VAL A 103 11.29 20.05 13.78
N PHE A 104 10.53 20.00 12.68
CA PHE A 104 10.16 18.73 12.04
C PHE A 104 10.88 18.56 10.71
N GLU A 105 12.01 19.21 10.55
CA GLU A 105 12.65 19.18 9.25
C GLU A 105 13.25 17.81 9.00
N LYS A 106 13.53 17.09 10.08
CA LYS A 106 14.28 15.85 9.97
C LYS A 106 13.41 14.63 10.15
N LEU A 107 12.21 14.82 10.67
CA LEU A 107 11.37 13.69 11.07
C LEU A 107 10.61 13.13 9.86
N THR A 108 11.35 12.65 8.88
CA THR A 108 10.77 12.30 7.63
C THR A 108 10.01 10.98 7.64
N ASN A 109 10.11 10.21 8.71
CA ASN A 109 9.37 8.97 8.78
C ASN A 109 8.10 9.13 9.57
N LEU A 110 7.73 10.37 9.84
CA LEU A 110 6.63 10.63 10.72
C LEU A 110 5.32 10.38 9.98
N THR A 111 4.40 9.65 10.63
CA THR A 111 3.12 9.30 10.06
C THR A 111 1.92 9.82 10.84
N THR A 112 2.08 10.06 12.12
CA THR A 112 1.02 10.61 12.94
C THR A 112 1.57 11.73 13.80
N LEU A 113 0.91 12.87 13.76
CA LEU A 113 1.34 14.02 14.54
C LEU A 113 0.13 14.67 15.16
N ASN A 114 0.04 14.65 16.48
CA ASN A 114 -1.11 15.17 17.18
C ASN A 114 -0.71 16.35 18.01
N LEU A 115 -1.09 17.54 17.58
CA LEU A 115 -0.75 18.76 18.30
C LEU A 115 -1.96 19.37 18.95
N SER A 116 -2.97 18.55 19.15
CA SER A 116 -4.26 19.09 19.54
C SER A 116 -4.20 19.62 20.92
N ASN A 117 -5.17 20.42 21.28
CA ASN A 117 -5.29 20.97 22.65
C ASN A 117 -4.03 21.63 23.20
N ASN A 118 -3.37 22.40 22.36
CA ASN A 118 -2.34 23.27 22.82
C ASN A 118 -2.83 24.70 22.75
N GLN A 119 -1.93 25.66 22.79
CA GLN A 119 -2.38 27.04 22.54
C GLN A 119 -1.59 27.71 21.41
N LEU A 120 -1.35 26.91 20.37
CA LEU A 120 -0.77 27.40 19.13
C LEU A 120 -1.69 28.38 18.49
N THR A 121 -1.13 29.45 18.02
CA THR A 121 -1.92 30.49 17.39
C THR A 121 -1.52 30.72 15.93
N SER A 122 -0.38 30.20 15.51
CA SER A 122 0.11 30.39 14.15
C SER A 122 1.14 29.30 13.90
N LEU A 123 1.55 29.06 12.66
CA LEU A 123 2.61 28.08 12.44
C LEU A 123 3.75 28.66 11.68
N PRO A 124 4.98 28.30 12.06
CA PRO A 124 6.12 28.81 11.30
C PRO A 124 6.02 28.46 9.82
N GLN A 125 6.87 29.12 9.04
CA GLN A 125 6.86 28.92 7.61
C GLN A 125 7.61 27.62 7.37
N GLY A 126 7.08 26.79 6.48
CA GLY A 126 7.68 25.49 6.17
C GLY A 126 7.73 24.56 7.35
N VAL A 127 6.74 24.59 8.25
CA VAL A 127 6.71 23.70 9.37
C VAL A 127 6.51 22.20 9.03
N PHE A 128 5.80 21.86 7.94
CA PHE A 128 5.59 20.46 7.59
C PHE A 128 6.06 20.11 6.21
N GLU A 129 7.04 20.84 5.68
CA GLU A 129 7.44 20.70 4.28
C GLU A 129 8.13 19.38 3.99
N ARG A 130 8.79 18.80 4.98
CA ARG A 130 9.53 17.54 4.83
C ARG A 130 8.70 16.30 5.11
N LEU A 131 7.74 16.43 6.01
CA LEU A 131 6.86 15.32 6.37
C LEU A 131 6.06 14.77 5.19
N ALA A 132 6.65 13.89 4.38
CA ALA A 132 5.99 13.34 3.22
C ALA A 132 5.34 11.97 3.47
N SER A 133 5.65 11.37 4.61
CA SER A 133 5.07 10.11 5.00
C SER A 133 3.91 10.32 5.96
N LEU A 134 3.48 11.57 6.15
CA LEU A 134 2.48 11.90 7.17
C LEU A 134 1.11 11.60 6.66
N THR A 135 0.30 10.98 7.51
CA THR A 135 -1.04 10.59 7.14
C THR A 135 -2.10 11.17 8.05
N THR A 136 -1.73 11.49 9.28
CA THR A 136 -2.67 11.99 10.23
C THR A 136 -2.09 13.19 10.87
N LEU A 137 -2.85 14.26 10.91
CA LEU A 137 -2.41 15.49 11.55
C LEU A 137 -3.56 16.09 12.30
N ASN A 138 -3.44 16.21 13.60
CA ASN A 138 -4.49 16.74 14.38
C ASN A 138 -4.02 18.05 15.00
N LEU A 139 -4.60 19.16 14.53
CA LEU A 139 -4.33 20.49 15.07
C LEU A 139 -5.54 21.06 15.77
N SER A 140 -6.48 20.22 16.17
CA SER A 140 -7.72 20.72 16.77
C SER A 140 -7.51 21.36 18.11
N ASN A 141 -8.49 22.16 18.52
CA ASN A 141 -8.48 22.85 19.82
C ASN A 141 -7.21 23.59 20.07
N ASN A 142 -6.88 24.48 19.15
CA ASN A 142 -5.82 25.43 19.37
C ASN A 142 -6.42 26.82 19.21
N ASN A 143 -5.61 27.81 18.89
CA ASN A 143 -6.12 29.13 18.62
C ASN A 143 -5.68 29.58 17.27
N LEU A 144 -5.61 28.64 16.34
CA LEU A 144 -5.16 28.94 14.98
C LEU A 144 -6.08 29.92 14.33
N ALA A 145 -5.52 31.06 13.94
CA ALA A 145 -6.26 32.08 13.25
C ALA A 145 -5.56 32.49 11.97
N ASN A 146 -4.36 31.98 11.74
CA ASN A 146 -3.61 32.35 10.57
C ASN A 146 -2.86 31.17 10.05
N LEU A 147 -3.04 30.94 8.76
CA LEU A 147 -2.33 29.91 8.06
C LEU A 147 -1.75 30.48 6.79
N ASN A 148 -0.52 30.08 6.52
CA ASN A 148 0.14 30.39 5.28
C ASN A 148 -0.38 29.49 4.20
N ASP A 149 -0.44 30.02 2.99
CA ASP A 149 -0.95 29.29 1.82
C ASP A 149 -0.26 27.93 1.69
N LYS A 150 1.06 27.89 1.81
CA LYS A 150 1.79 26.65 1.58
C LYS A 150 1.94 25.80 2.84
N VAL A 151 1.07 26.00 3.82
CA VAL A 151 1.30 25.39 5.11
C VAL A 151 1.25 23.87 5.01
N PHE A 152 0.30 23.35 4.23
CA PHE A 152 0.10 21.91 4.12
C PHE A 152 0.63 21.37 2.80
N GLU A 153 1.41 22.18 2.10
CA GLU A 153 2.09 21.77 0.90
C GLU A 153 3.10 20.68 1.23
N GLY A 154 3.04 19.60 0.45
CA GLY A 154 3.95 18.48 0.61
C GLY A 154 3.49 17.38 1.56
N LEU A 155 2.26 17.52 2.08
CA LEU A 155 1.58 16.44 2.78
C LEU A 155 0.75 15.64 1.82
N THR A 156 1.41 15.10 0.82
CA THR A 156 0.74 14.47 -0.29
C THR A 156 0.05 13.18 0.13
N ASN A 157 0.51 12.56 1.20
CA ASN A 157 -0.05 11.30 1.65
C ASN A 157 -0.95 11.49 2.83
N LEU A 158 -1.25 12.72 3.17
CA LEU A 158 -2.11 13.02 4.30
C LEU A 158 -3.50 12.51 4.01
N THR A 159 -4.09 11.80 4.98
CA THR A 159 -5.45 11.27 4.82
C THR A 159 -6.44 11.79 5.86
N THR A 160 -5.94 12.27 6.97
CA THR A 160 -6.79 12.80 8.00
C THR A 160 -6.23 14.13 8.52
N LEU A 161 -7.07 15.14 8.54
CA LEU A 161 -6.68 16.45 8.96
C LEU A 161 -7.77 16.96 9.85
N ASN A 162 -7.43 17.30 11.08
CA ASN A 162 -8.40 17.80 12.01
C ASN A 162 -8.10 19.23 12.45
N LEU A 163 -8.98 20.16 12.10
CA LEU A 163 -8.75 21.55 12.39
C LEU A 163 -9.91 22.15 13.22
N SER A 164 -10.62 21.32 13.97
CA SER A 164 -11.74 21.78 14.80
C SER A 164 -11.35 22.77 15.85
N ASN A 165 -12.33 23.51 16.32
CA ASN A 165 -12.16 24.41 17.43
C ASN A 165 -10.91 25.22 17.27
N ASN A 166 -10.90 26.02 16.21
CA ASN A 166 -9.85 26.97 16.01
C ASN A 166 -10.51 28.27 15.65
N ASN A 167 -9.75 29.20 15.09
CA ASN A 167 -10.31 30.48 14.73
C ASN A 167 -9.95 30.86 13.31
N LEU A 168 -10.33 30.01 12.35
CA LEU A 168 -9.93 30.22 10.97
C LEU A 168 -10.95 30.89 10.12
N ALA A 169 -12.04 31.36 10.71
CA ALA A 169 -13.15 31.89 9.93
C ALA A 169 -12.74 32.92 8.89
N ARG A 170 -11.85 33.82 9.31
CA ARG A 170 -11.43 34.97 8.49
C ARG A 170 -10.72 34.55 7.24
N LEU A 171 -10.10 33.38 7.28
CA LEU A 171 -9.30 32.94 6.18
C LEU A 171 -10.12 32.65 4.94
N TRP A 172 -11.42 32.60 5.08
CA TRP A 172 -12.32 32.30 3.95
C TRP A 172 -13.38 33.34 3.67
N LYS A 173 -12.94 34.58 3.59
CA LYS A 173 -13.83 35.65 3.29
C LYS A 173 -13.24 36.41 2.15
N HIS A 174 -14.04 36.73 1.14
CA HIS A 174 -13.54 37.54 0.04
C HIS A 174 -12.99 38.86 0.57
N ALA A 175 -13.60 39.38 1.63
CA ALA A 175 -13.16 40.65 2.17
C ALA A 175 -11.85 40.49 2.91
N ASN A 176 -11.18 39.35 2.76
CA ASN A 176 -9.94 39.08 3.52
C ASN A 176 -8.74 39.69 2.78
N PRO A 177 -7.86 40.39 3.51
CA PRO A 177 -6.73 41.03 2.84
C PRO A 177 -5.85 40.01 2.12
N GLY A 178 -5.87 40.05 0.80
CA GLY A 178 -5.26 39.03 -0.02
C GLY A 178 -6.22 37.91 -0.37
N GLY A 179 -7.51 38.15 -0.21
CA GLY A 179 -8.50 37.20 -0.69
C GLY A 179 -8.50 35.96 0.15
N PRO A 180 -9.32 35.00 -0.24
CA PRO A 180 -9.37 33.79 0.57
C PRO A 180 -8.06 33.05 0.47
N ILE A 181 -7.82 32.25 1.50
CA ILE A 181 -6.61 31.47 1.60
C ILE A 181 -6.93 30.00 1.35
N TYR A 182 -6.44 29.49 0.23
CA TYR A 182 -6.70 28.12 -0.20
C TYR A 182 -5.68 27.13 0.40
N PHE A 183 -5.80 26.93 1.70
CA PHE A 183 -4.82 26.14 2.42
C PHE A 183 -5.04 24.63 2.30
N LEU A 184 -5.91 24.20 1.42
CA LEU A 184 -6.10 22.78 1.18
C LEU A 184 -5.70 22.35 -0.25
N LYS A 185 -4.90 23.17 -0.94
CA LYS A 185 -4.42 22.78 -2.25
C LYS A 185 -3.60 21.50 -2.16
N GLY A 186 -3.79 20.63 -3.13
CA GLY A 186 -2.99 19.43 -3.34
C GLY A 186 -3.16 18.29 -2.35
N LEU A 187 -4.22 18.31 -1.56
CA LEU A 187 -4.48 17.22 -0.62
C LEU A 187 -5.34 16.16 -1.33
N THR A 188 -4.77 15.69 -2.44
CA THR A 188 -5.41 14.71 -3.30
C THR A 188 -5.78 13.43 -2.58
N ASN A 189 -5.07 13.05 -1.52
CA ASN A 189 -5.36 11.82 -0.80
C ASN A 189 -6.06 11.99 0.50
N LEU A 190 -6.41 13.22 0.84
CA LEU A 190 -7.13 13.47 2.07
C LEU A 190 -8.48 12.80 2.00
N THR A 191 -8.86 12.12 3.08
CA THR A 191 -10.15 11.42 3.15
C THR A 191 -11.08 11.86 4.29
N THR A 192 -10.52 12.40 5.35
CA THR A 192 -11.29 12.92 6.45
C THR A 192 -10.81 14.34 6.79
N LEU A 193 -11.74 15.26 6.91
CA LEU A 193 -11.43 16.64 7.19
C LEU A 193 -12.44 17.15 8.18
N ASN A 194 -11.98 17.74 9.27
CA ASN A 194 -12.85 18.28 10.29
C ASN A 194 -12.62 19.76 10.48
N LEU A 195 -13.58 20.57 10.02
CA LEU A 195 -13.45 22.01 10.11
C LEU A 195 -14.54 22.58 10.99
N SER A 196 -15.07 21.76 11.89
CA SER A 196 -16.11 22.24 12.77
C SER A 196 -15.59 23.30 13.71
N ASN A 197 -16.52 24.06 14.26
CA ASN A 197 -16.23 25.03 15.31
C ASN A 197 -15.12 26.01 14.98
N ASN A 198 -15.21 26.62 13.83
CA ASN A 198 -14.30 27.67 13.43
C ASN A 198 -15.38 28.66 13.09
N GLY A 199 -15.39 29.92 13.37
CA GLY A 199 -16.64 30.61 12.94
C GLY A 199 -16.88 30.83 11.44
N PHE A 200 -16.86 29.80 10.61
CA PHE A 200 -17.03 29.99 9.19
C PHE A 200 -18.44 30.51 8.91
N ASP A 201 -18.56 31.50 8.06
CA ASP A 201 -19.86 32.01 7.60
C ASP A 201 -19.98 32.11 6.07
N GLU A 202 -18.93 31.76 5.37
CA GLU A 202 -18.97 31.73 3.96
C GLU A 202 -17.80 30.92 3.58
N PHE A 203 -17.85 30.35 2.41
CA PHE A 203 -16.68 29.73 1.87
C PHE A 203 -16.79 29.62 0.38
N PRO A 204 -15.70 29.93 -0.31
CA PRO A 204 -15.74 29.81 -1.75
C PRO A 204 -15.82 28.37 -2.13
N LYS A 205 -16.07 28.13 -3.41
CA LYS A 205 -16.19 26.81 -4.01
C LYS A 205 -14.82 26.19 -4.24
N GLU A 206 -13.85 27.06 -4.47
CA GLU A 206 -12.51 26.58 -4.79
C GLU A 206 -11.73 25.93 -3.61
N VAL A 207 -12.16 26.19 -2.39
CA VAL A 207 -11.48 25.64 -1.22
C VAL A 207 -11.29 24.12 -1.31
N PHE A 208 -12.35 23.38 -1.64
CA PHE A 208 -12.30 21.92 -1.66
C PHE A 208 -12.01 21.37 -3.05
N LYS A 209 -11.36 22.16 -3.89
CA LYS A 209 -11.16 21.84 -5.30
C LYS A 209 -10.28 20.61 -5.58
N ASP A 210 -9.43 20.24 -4.63
CA ASP A 210 -8.46 19.17 -4.86
C ASP A 210 -8.75 17.90 -4.07
N LEU A 211 -9.69 17.98 -3.15
CA LEU A 211 -9.99 16.89 -2.22
C LEU A 211 -10.83 15.80 -2.87
N THR A 212 -10.23 15.09 -3.81
CA THR A 212 -10.98 14.13 -4.61
C THR A 212 -11.18 12.83 -3.85
N SER A 213 -10.28 12.48 -2.95
CA SER A 213 -10.47 11.26 -2.19
C SER A 213 -11.33 11.47 -0.95
N LEU A 214 -11.83 12.68 -0.77
CA LEU A 214 -12.55 12.98 0.44
C LEU A 214 -13.83 12.15 0.59
N THR A 215 -13.97 11.53 1.77
CA THR A 215 -15.18 10.77 2.10
C THR A 215 -15.93 11.35 3.30
N THR A 216 -15.26 12.09 4.17
CA THR A 216 -15.89 12.60 5.39
C THR A 216 -15.58 14.07 5.58
N LEU A 217 -16.60 14.89 5.69
CA LEU A 217 -16.39 16.32 5.86
C LEU A 217 -17.27 16.79 6.99
N ASN A 218 -16.66 17.33 8.03
CA ASN A 218 -17.42 17.89 9.12
C ASN A 218 -17.38 19.41 9.11
N LEU A 219 -18.51 20.04 8.87
CA LEU A 219 -18.60 21.51 8.94
C LEU A 219 -19.59 21.96 9.99
N SER A 220 -19.85 21.10 10.94
CA SER A 220 -20.82 21.43 11.95
C SER A 220 -20.35 22.61 12.83
N ASN A 221 -21.28 23.20 13.57
CA ASN A 221 -20.97 24.24 14.56
C ASN A 221 -20.26 25.46 14.04
N ASN A 222 -20.47 25.75 12.77
CA ASN A 222 -19.98 26.98 12.21
C ASN A 222 -21.13 27.97 12.06
N GLN A 223 -20.94 29.02 11.28
CA GLN A 223 -21.94 30.08 11.12
C GLN A 223 -22.42 30.18 9.66
N LEU A 224 -22.40 29.05 8.96
CA LEU A 224 -22.76 29.01 7.57
C LEU A 224 -24.24 29.26 7.41
N THR A 225 -24.53 30.13 6.44
CA THR A 225 -25.87 30.56 6.14
C THR A 225 -26.38 29.91 4.83
N SER A 226 -25.45 29.44 4.03
CA SER A 226 -25.77 28.80 2.75
C SER A 226 -24.51 28.15 2.20
N LEU A 227 -24.67 27.32 1.18
CA LEU A 227 -23.56 26.67 0.52
C LEU A 227 -23.53 27.02 -0.93
N PRO A 228 -22.34 26.92 -1.54
CA PRO A 228 -22.24 27.20 -2.96
C PRO A 228 -22.60 25.98 -3.79
N GLN A 229 -22.85 26.21 -5.08
CA GLN A 229 -23.06 25.14 -6.03
C GLN A 229 -21.74 24.65 -6.64
N GLY A 230 -21.69 23.38 -6.99
CA GLY A 230 -20.51 22.78 -7.60
C GLY A 230 -19.59 22.01 -6.66
N VAL A 231 -19.77 22.19 -5.35
CA VAL A 231 -18.97 21.48 -4.36
C VAL A 231 -19.18 19.96 -4.37
N PHE A 232 -20.42 19.52 -4.29
CA PHE A 232 -20.72 18.09 -4.29
C PHE A 232 -20.30 17.42 -5.60
N GLU A 233 -20.43 18.14 -6.72
CA GLU A 233 -20.03 17.64 -8.04
C GLU A 233 -18.55 17.24 -8.06
N ARG A 234 -17.72 17.95 -7.31
CA ARG A 234 -16.29 17.66 -7.22
C ARG A 234 -15.95 16.53 -6.25
N LEU A 235 -16.61 16.51 -5.11
CA LEU A 235 -16.33 15.55 -4.07
C LEU A 235 -17.07 14.25 -4.30
N THR A 236 -16.69 13.54 -5.35
CA THR A 236 -17.43 12.38 -5.82
C THR A 236 -17.45 11.22 -4.83
N ASN A 237 -16.53 11.19 -3.88
CA ASN A 237 -16.48 10.09 -2.93
C ASN A 237 -17.03 10.46 -1.57
N LEU A 238 -17.76 11.56 -1.49
CA LEU A 238 -18.21 12.06 -0.20
C LEU A 238 -19.40 11.27 0.32
N LYS A 239 -19.26 10.71 1.52
CA LYS A 239 -20.31 9.89 2.13
C LYS A 239 -20.89 10.48 3.41
N THR A 240 -20.09 11.22 4.15
CA THR A 240 -20.54 11.80 5.38
C THR A 240 -20.28 13.28 5.36
N LEU A 241 -21.35 14.04 5.54
CA LEU A 241 -21.22 15.47 5.56
C LEU A 241 -22.00 15.99 6.74
N ASN A 242 -21.33 16.50 7.76
CA ASN A 242 -22.02 17.01 8.93
C ASN A 242 -22.16 18.52 8.83
N LEU A 243 -23.39 19.00 8.69
CA LEU A 243 -23.67 20.42 8.65
C LEU A 243 -24.51 20.93 9.80
N SER A 244 -24.67 20.14 10.84
CA SER A 244 -25.52 20.55 11.93
C SER A 244 -25.02 21.83 12.59
N ASN A 245 -25.91 22.47 13.34
CA ASN A 245 -25.60 23.67 14.10
C ASN A 245 -25.04 24.77 13.28
N ASN A 246 -25.63 24.95 12.13
CA ASN A 246 -25.28 26.04 11.28
C ASN A 246 -26.53 26.91 11.24
N GLN A 247 -26.59 27.76 10.24
CA GLN A 247 -27.72 28.62 10.00
C GLN A 247 -28.29 28.46 8.63
N LEU A 248 -28.26 27.26 8.08
CA LEU A 248 -28.67 27.10 6.70
C LEU A 248 -30.15 27.33 6.56
N GLN A 249 -30.49 28.44 5.94
CA GLN A 249 -31.83 28.78 5.67
C GLN A 249 -31.91 28.57 4.19
N SER A 250 -33.12 28.45 3.68
CA SER A 250 -33.32 28.36 2.27
C SER A 250 -33.11 29.77 1.75
N LEU A 251 -32.40 29.89 0.63
CA LEU A 251 -32.04 31.23 0.12
C LEU A 251 -33.25 32.15 0.06
N PRO A 252 -33.05 33.45 0.40
CA PRO A 252 -34.18 34.37 0.32
C PRO A 252 -34.42 34.76 -1.13
N THR A 253 -35.68 34.95 -1.51
CA THR A 253 -36.05 35.28 -2.89
C THR A 253 -36.80 36.60 -3.05
N THR B 1 -20.38 -38.84 -6.33
CA THR B 1 -20.83 -39.42 -7.65
C THR B 1 -22.15 -40.20 -7.66
N ILE B 2 -23.00 -39.83 -8.62
CA ILE B 2 -24.31 -40.43 -8.88
C ILE B 2 -24.17 -41.22 -10.19
N THR B 3 -24.81 -42.38 -10.27
CA THR B 3 -24.72 -43.22 -11.47
C THR B 3 -26.04 -43.37 -12.24
N VAL B 4 -27.13 -42.84 -11.69
CA VAL B 4 -28.41 -42.84 -12.37
C VAL B 4 -29.15 -41.54 -12.08
N SER B 5 -30.11 -41.20 -12.91
CA SER B 5 -30.81 -39.96 -12.78
C SER B 5 -31.57 -39.99 -11.47
N THR B 6 -31.35 -38.99 -10.61
CA THR B 6 -31.93 -38.95 -9.26
C THR B 6 -32.62 -37.61 -8.92
N PRO B 7 -33.74 -37.66 -8.16
CA PRO B 7 -34.36 -36.39 -7.78
C PRO B 7 -33.46 -35.52 -6.93
N ILE B 8 -33.58 -34.21 -7.11
CA ILE B 8 -32.78 -33.23 -6.41
C ILE B 8 -33.10 -33.34 -4.94
N LYS B 9 -34.39 -33.37 -4.61
CA LYS B 9 -34.82 -33.42 -3.21
C LYS B 9 -34.21 -34.61 -2.48
N GLN B 10 -33.85 -35.65 -3.22
CA GLN B 10 -33.26 -36.83 -2.63
C GLN B 10 -31.78 -36.67 -2.26
N ILE B 11 -30.99 -36.05 -3.14
CA ILE B 11 -29.57 -35.86 -2.91
C ILE B 11 -29.37 -34.78 -1.86
N PHE B 12 -30.19 -33.73 -1.94
CA PHE B 12 -30.13 -32.54 -1.11
C PHE B 12 -31.35 -32.49 -0.16
N PRO B 13 -31.28 -33.23 0.93
CA PRO B 13 -32.37 -33.36 1.89
C PRO B 13 -32.93 -32.03 2.41
N ASP B 14 -32.08 -31.03 2.62
CA ASP B 14 -32.53 -29.74 3.11
C ASP B 14 -33.35 -28.98 2.06
N ASP B 15 -34.54 -28.50 2.43
CA ASP B 15 -35.48 -27.86 1.49
C ASP B 15 -34.88 -26.60 0.89
N ALA B 16 -34.51 -25.66 1.76
CA ALA B 16 -33.86 -24.43 1.33
C ALA B 16 -32.74 -24.71 0.35
N PHE B 17 -31.88 -25.68 0.66
CA PHE B 17 -30.70 -25.95 -0.18
C PHE B 17 -31.06 -26.63 -1.46
N ALA B 18 -32.02 -27.53 -1.39
CA ALA B 18 -32.54 -28.17 -2.57
C ALA B 18 -33.03 -27.12 -3.57
N GLU B 19 -33.86 -26.18 -3.12
CA GLU B 19 -34.42 -25.13 -3.99
C GLU B 19 -33.29 -24.32 -4.61
N THR B 20 -32.22 -24.16 -3.85
CA THR B 20 -31.08 -23.45 -4.35
C THR B 20 -30.52 -24.15 -5.56
N ILE B 21 -30.24 -25.44 -5.38
CA ILE B 21 -29.72 -26.27 -6.47
C ILE B 21 -30.67 -26.25 -7.67
N LYS B 22 -31.95 -26.33 -7.39
CA LYS B 22 -32.93 -26.30 -8.43
C LYS B 22 -32.73 -25.07 -9.30
N ALA B 23 -32.77 -23.91 -8.67
CA ALA B 23 -32.61 -22.65 -9.35
C ALA B 23 -31.32 -22.61 -10.19
N ASN B 24 -30.23 -23.11 -9.64
CA ASN B 24 -28.96 -23.05 -10.35
C ASN B 24 -28.91 -24.00 -11.54
N LEU B 25 -29.70 -25.06 -11.49
CA LEU B 25 -29.81 -25.97 -12.62
C LEU B 25 -30.95 -25.61 -13.56
N LYS B 26 -31.75 -24.63 -13.18
CA LYS B 26 -32.87 -24.13 -14.00
C LYS B 26 -33.92 -25.21 -14.21
N LYS B 27 -34.23 -25.94 -13.14
CA LYS B 27 -35.26 -26.94 -13.13
C LYS B 27 -36.53 -26.34 -12.54
N LYS B 28 -37.68 -26.89 -12.94
CA LYS B 28 -38.96 -26.35 -12.51
C LYS B 28 -39.32 -26.83 -11.11
N SER B 29 -39.05 -28.09 -10.83
CA SER B 29 -39.38 -28.66 -9.53
C SER B 29 -38.14 -29.18 -8.84
N VAL B 30 -38.23 -29.19 -7.54
CA VAL B 30 -37.21 -29.81 -6.71
C VAL B 30 -37.24 -31.37 -6.78
N THR B 31 -38.31 -31.94 -7.33
CA THR B 31 -38.37 -33.39 -7.53
C THR B 31 -37.83 -33.82 -8.88
N ASP B 32 -37.53 -32.88 -9.77
CA ASP B 32 -36.97 -33.22 -11.06
C ASP B 32 -35.66 -34.00 -10.91
N ALA B 33 -35.52 -35.05 -11.72
CA ALA B 33 -34.34 -35.88 -11.68
C ALA B 33 -33.18 -35.13 -12.29
N VAL B 34 -31.97 -35.53 -11.90
CA VAL B 34 -30.78 -34.86 -12.31
C VAL B 34 -29.62 -35.82 -12.47
N THR B 35 -28.75 -35.57 -13.45
CA THR B 35 -27.64 -36.49 -13.73
C THR B 35 -26.34 -35.93 -13.21
N GLN B 36 -25.39 -36.80 -12.95
CA GLN B 36 -24.09 -36.37 -12.49
C GLN B 36 -23.52 -35.28 -13.39
N ASN B 37 -23.71 -35.41 -14.69
CA ASN B 37 -23.32 -34.38 -15.64
C ASN B 37 -23.87 -33.00 -15.34
N GLU B 38 -25.17 -32.94 -15.07
CA GLU B 38 -25.77 -31.67 -14.73
C GLU B 38 -25.14 -31.08 -13.47
N LEU B 39 -24.79 -31.94 -12.51
CA LEU B 39 -24.20 -31.48 -11.27
C LEU B 39 -22.79 -31.03 -11.46
N ASN B 40 -22.09 -31.65 -12.41
CA ASN B 40 -20.74 -31.21 -12.73
C ASN B 40 -20.69 -29.80 -13.31
N SER B 41 -21.79 -29.30 -13.83
CA SER B 41 -21.82 -28.00 -14.47
C SER B 41 -21.80 -26.88 -13.45
N ILE B 42 -22.11 -27.21 -12.21
CA ILE B 42 -22.18 -26.21 -11.17
C ILE B 42 -20.82 -25.87 -10.64
N ASP B 43 -20.41 -24.63 -10.82
CA ASP B 43 -19.12 -24.13 -10.34
C ASP B 43 -19.20 -23.03 -9.29
N GLN B 44 -20.42 -22.61 -8.97
CA GLN B 44 -20.59 -21.68 -7.89
C GLN B 44 -21.94 -21.82 -7.31
N ILE B 45 -22.06 -21.44 -6.05
CA ILE B 45 -23.35 -21.38 -5.38
C ILE B 45 -23.34 -20.20 -4.45
N ILE B 46 -24.33 -19.35 -4.62
CA ILE B 46 -24.44 -18.15 -3.84
C ILE B 46 -25.77 -18.16 -3.16
N ALA B 47 -25.76 -18.44 -1.86
CA ALA B 47 -26.99 -18.65 -1.13
C ALA B 47 -26.90 -18.06 0.27
N ASN B 48 -26.71 -16.76 0.36
CA ASN B 48 -26.66 -16.11 1.66
C ASN B 48 -28.06 -15.88 2.19
N ASN B 49 -28.20 -15.90 3.51
CA ASN B 49 -29.46 -15.63 4.17
C ASN B 49 -30.59 -16.41 3.58
N SER B 50 -30.32 -17.68 3.33
CA SER B 50 -31.28 -18.56 2.68
C SER B 50 -31.88 -19.61 3.62
N ASP B 51 -31.62 -19.48 4.91
CA ASP B 51 -32.20 -20.42 5.90
C ASP B 51 -31.75 -21.90 5.78
N ILE B 52 -30.66 -22.15 5.08
CA ILE B 52 -30.13 -23.48 4.89
C ILE B 52 -29.63 -24.08 6.19
N LYS B 53 -30.17 -25.23 6.58
CA LYS B 53 -29.73 -25.93 7.79
C LYS B 53 -28.62 -26.96 7.56
N SER B 54 -28.57 -27.51 6.36
CA SER B 54 -27.59 -28.52 6.01
C SER B 54 -27.25 -28.42 4.55
N VAL B 55 -25.95 -28.55 4.22
CA VAL B 55 -25.52 -28.65 2.84
C VAL B 55 -25.21 -30.09 2.39
N GLN B 56 -25.78 -31.05 3.10
CA GLN B 56 -25.71 -32.42 2.67
C GLN B 56 -26.13 -32.52 1.20
N GLY B 57 -25.31 -33.22 0.42
CA GLY B 57 -25.53 -33.38 -1.00
C GLY B 57 -24.51 -32.61 -1.79
N ILE B 58 -23.95 -31.58 -1.17
CA ILE B 58 -22.91 -30.78 -1.81
C ILE B 58 -21.65 -31.59 -2.17
N GLN B 59 -21.51 -32.77 -1.59
CA GLN B 59 -20.43 -33.69 -1.96
C GLN B 59 -20.40 -34.01 -3.42
N TYR B 60 -21.56 -33.98 -4.05
CA TYR B 60 -21.62 -34.34 -5.43
C TYR B 60 -21.02 -33.24 -6.32
N LEU B 61 -21.11 -32.00 -5.92
CA LEU B 61 -20.71 -30.93 -6.80
C LEU B 61 -19.19 -30.82 -6.83
N PRO B 62 -18.47 -31.63 -7.65
CA PRO B 62 -17.03 -31.63 -7.56
C PRO B 62 -16.37 -30.41 -8.16
N ASN B 63 -17.11 -29.52 -8.83
CA ASN B 63 -16.47 -28.37 -9.50
C ASN B 63 -16.83 -27.00 -8.94
N VAL B 64 -17.32 -26.95 -7.72
CA VAL B 64 -17.62 -25.70 -7.09
C VAL B 64 -16.32 -24.97 -6.78
N ARG B 65 -16.29 -23.69 -7.11
CA ARG B 65 -15.13 -22.83 -6.83
C ARG B 65 -15.47 -21.70 -5.89
N TYR B 66 -16.72 -21.24 -5.94
CA TYR B 66 -17.12 -20.11 -5.16
C TYR B 66 -18.36 -20.47 -4.39
N LEU B 67 -18.25 -20.49 -3.07
CA LEU B 67 -19.34 -20.94 -2.25
C LEU B 67 -19.63 -19.93 -1.18
N ALA B 68 -20.82 -19.34 -1.23
CA ALA B 68 -21.22 -18.29 -0.31
C ALA B 68 -22.43 -18.72 0.52
N LEU B 69 -22.20 -19.18 1.74
CA LEU B 69 -23.27 -19.67 2.57
C LEU B 69 -23.43 -18.85 3.80
N GLY B 70 -23.12 -17.56 3.71
CA GLY B 70 -23.23 -16.67 4.87
C GLY B 70 -24.67 -16.41 5.24
N GLY B 71 -24.94 -16.32 6.53
CA GLY B 71 -26.25 -15.91 7.02
C GLY B 71 -27.24 -17.05 7.06
N ASN B 72 -26.75 -18.28 6.99
CA ASN B 72 -27.59 -19.46 7.10
C ASN B 72 -27.59 -20.00 8.51
N LYS B 73 -27.99 -21.26 8.70
CA LYS B 73 -28.00 -21.90 10.02
C LYS B 73 -27.23 -23.20 9.99
N LEU B 74 -26.06 -23.20 9.37
CA LEU B 74 -25.23 -24.38 9.33
C LEU B 74 -24.58 -24.66 10.66
N HIS B 75 -24.73 -25.88 11.18
CA HIS B 75 -23.99 -26.35 12.37
C HIS B 75 -22.83 -27.32 12.05
N ASP B 76 -22.82 -27.88 10.84
CA ASP B 76 -21.81 -28.85 10.41
C ASP B 76 -21.33 -28.55 9.00
N ILE B 77 -20.04 -28.73 8.70
CA ILE B 77 -19.53 -28.49 7.36
C ILE B 77 -18.64 -29.60 6.84
N SER B 78 -18.77 -30.80 7.38
CA SER B 78 -17.89 -31.88 6.97
C SER B 78 -18.09 -32.25 5.50
N ALA B 79 -19.22 -31.83 4.94
CA ALA B 79 -19.56 -32.17 3.57
C ALA B 79 -18.73 -31.43 2.54
N LEU B 80 -17.93 -30.45 2.97
CA LEU B 80 -17.05 -29.70 2.08
C LEU B 80 -15.67 -30.33 1.97
N LYS B 81 -15.46 -31.40 2.72
CA LYS B 81 -14.15 -32.00 2.81
C LYS B 81 -13.47 -32.22 1.48
N GLU B 82 -14.25 -32.43 0.45
CA GLU B 82 -13.71 -32.95 -0.81
C GLU B 82 -13.84 -32.00 -2.00
N LEU B 83 -14.38 -30.82 -1.77
CA LEU B 83 -14.53 -29.88 -2.84
C LEU B 83 -13.18 -29.24 -3.10
N THR B 84 -12.31 -29.94 -3.81
CA THR B 84 -10.91 -29.54 -3.92
C THR B 84 -10.65 -28.32 -4.81
N ASN B 85 -11.64 -27.94 -5.61
CA ASN B 85 -11.48 -26.78 -6.46
C ASN B 85 -11.96 -25.50 -5.83
N LEU B 86 -12.35 -25.58 -4.57
CA LEU B 86 -12.88 -24.43 -3.87
C LEU B 86 -11.81 -23.37 -3.73
N GLY B 87 -12.17 -22.15 -4.08
CA GLY B 87 -11.29 -20.97 -3.98
C GLY B 87 -11.81 -19.90 -3.04
N TRP B 88 -13.13 -19.80 -2.91
CA TRP B 88 -13.76 -18.83 -2.02
C TRP B 88 -14.83 -19.48 -1.16
N LEU B 89 -14.72 -19.30 0.15
CA LEU B 89 -15.66 -19.92 1.06
C LEU B 89 -16.08 -18.95 2.14
N ASN B 90 -17.36 -18.54 2.14
CA ASN B 90 -17.88 -17.68 3.16
C ASN B 90 -18.88 -18.46 3.99
N LEU B 91 -18.50 -18.76 5.21
CA LEU B 91 -19.40 -19.40 6.18
C LEU B 91 -19.77 -18.46 7.34
N SER B 92 -19.76 -17.16 7.11
CA SER B 92 -20.00 -16.22 8.20
C SER B 92 -21.45 -16.31 8.67
N ASN B 93 -21.71 -15.79 9.86
CA ASN B 93 -23.08 -15.78 10.41
C ASN B 93 -23.84 -17.07 10.29
N ASN B 94 -23.20 -18.17 10.66
CA ASN B 94 -23.90 -19.41 10.83
C ASN B 94 -23.88 -19.75 12.30
N GLN B 95 -23.96 -21.03 12.64
CA GLN B 95 -23.95 -21.43 14.02
C GLN B 95 -22.92 -22.51 14.19
N LEU B 96 -21.73 -22.29 13.66
CA LEU B 96 -20.69 -23.26 13.85
C LEU B 96 -20.14 -23.12 15.24
N GLU B 97 -20.20 -24.19 16.01
CA GLU B 97 -19.63 -24.19 17.34
C GLU B 97 -18.23 -24.78 17.33
N THR B 98 -17.85 -25.42 16.22
CA THR B 98 -16.65 -26.25 16.19
C THR B 98 -16.38 -26.69 14.75
N LEU B 99 -15.13 -27.09 14.43
CA LEU B 99 -14.79 -27.62 13.09
C LEU B 99 -14.25 -29.04 13.17
N PRO B 100 -14.57 -29.87 12.16
CA PRO B 100 -13.96 -31.19 12.11
C PRO B 100 -12.45 -31.12 11.98
N GLN B 101 -11.79 -32.14 12.50
CA GLN B 101 -10.38 -32.34 12.27
C GLN B 101 -10.20 -32.45 10.75
N GLY B 102 -9.26 -31.72 10.19
CA GLY B 102 -8.93 -31.88 8.78
C GLY B 102 -10.02 -31.57 7.76
N VAL B 103 -11.05 -30.85 8.16
CA VAL B 103 -12.07 -30.46 7.20
C VAL B 103 -11.48 -29.70 5.99
N PHE B 104 -10.35 -29.01 6.18
CA PHE B 104 -9.73 -28.21 5.10
C PHE B 104 -8.43 -28.85 4.66
N GLU B 105 -8.28 -30.14 4.84
CA GLU B 105 -7.02 -30.75 4.46
C GLU B 105 -6.87 -30.80 2.94
N LYS B 106 -7.97 -30.78 2.22
CA LYS B 106 -7.94 -31.02 0.80
C LYS B 106 -8.10 -29.74 0.00
N LEU B 107 -8.58 -28.68 0.64
CA LEU B 107 -8.98 -27.48 -0.08
C LEU B 107 -7.79 -26.59 -0.39
N THR B 108 -6.85 -27.11 -1.15
CA THR B 108 -5.56 -26.47 -1.26
C THR B 108 -5.59 -25.26 -2.18
N ASN B 109 -6.69 -25.03 -2.88
CA ASN B 109 -6.75 -23.89 -3.78
C ASN B 109 -7.49 -22.77 -3.14
N LEU B 110 -7.69 -22.88 -1.84
CA LEU B 110 -8.50 -21.92 -1.12
C LEU B 110 -7.70 -20.66 -0.89
N THR B 111 -8.30 -19.51 -1.20
CA THR B 111 -7.64 -18.20 -1.04
C THR B 111 -8.36 -17.26 -0.07
N THR B 112 -9.66 -17.45 0.11
CA THR B 112 -10.43 -16.66 1.04
C THR B 112 -11.29 -17.55 1.90
N LEU B 113 -11.20 -17.37 3.21
CA LEU B 113 -11.99 -18.16 4.13
C LEU B 113 -12.54 -17.25 5.20
N ASN B 114 -13.86 -17.13 5.27
CA ASN B 114 -14.49 -16.24 6.22
C ASN B 114 -15.34 -17.01 7.19
N LEU B 115 -14.87 -17.11 8.42
CA LEU B 115 -15.55 -17.86 9.44
C LEU B 115 -16.12 -16.93 10.47
N SER B 116 -16.28 -15.67 10.12
CA SER B 116 -16.60 -14.69 11.11
C SER B 116 -18.01 -14.88 11.60
N ASN B 117 -18.33 -14.27 12.73
CA ASN B 117 -19.67 -14.32 13.29
C ASN B 117 -20.26 -15.71 13.44
N ASN B 118 -19.44 -16.65 13.90
CA ASN B 118 -19.93 -17.92 14.35
C ASN B 118 -19.81 -18.00 15.85
N GLN B 119 -19.90 -19.21 16.43
CA GLN B 119 -19.64 -19.33 17.85
C GLN B 119 -18.57 -20.35 18.11
N LEU B 120 -17.55 -20.32 17.25
CA LEU B 120 -16.34 -21.10 17.46
C LEU B 120 -15.65 -20.66 18.70
N THR B 121 -15.22 -21.62 19.48
CA THR B 121 -14.63 -21.33 20.76
C THR B 121 -13.21 -21.89 20.81
N SER B 122 -12.86 -22.79 19.91
CA SER B 122 -11.52 -23.36 19.87
C SER B 122 -11.30 -23.83 18.46
N LEU B 123 -10.07 -24.17 18.19
CA LEU B 123 -9.70 -24.51 16.84
C LEU B 123 -8.73 -25.64 16.85
N PRO B 124 -9.06 -26.72 16.13
CA PRO B 124 -8.09 -27.79 16.13
C PRO B 124 -6.66 -27.36 15.75
N GLN B 125 -5.70 -28.24 16.01
CA GLN B 125 -4.32 -27.97 15.68
C GLN B 125 -4.15 -28.21 14.19
N GLY B 126 -3.38 -27.35 13.55
CA GLY B 126 -3.11 -27.52 12.12
C GLY B 126 -4.31 -27.65 11.18
N VAL B 127 -5.47 -27.16 11.63
CA VAL B 127 -6.73 -27.00 10.87
C VAL B 127 -6.49 -26.28 9.55
N PHE B 128 -5.40 -25.52 9.45
CA PHE B 128 -5.13 -24.77 8.24
C PHE B 128 -3.79 -25.05 7.60
N GLU B 129 -3.21 -26.21 7.85
CA GLU B 129 -1.84 -26.48 7.38
C GLU B 129 -1.73 -26.42 5.85
N ARG B 130 -2.42 -27.33 5.19
CA ARG B 130 -2.47 -27.36 3.76
C ARG B 130 -3.53 -26.30 3.45
N LEU B 131 -3.16 -25.01 3.44
CA LEU B 131 -3.99 -23.93 2.86
C LEU B 131 -3.05 -22.86 2.36
N ALA B 132 -2.14 -23.34 1.55
CA ALA B 132 -0.91 -22.63 1.34
C ALA B 132 -1.16 -21.54 0.34
N SER B 133 -2.33 -21.55 -0.25
CA SER B 133 -2.72 -20.50 -1.16
C SER B 133 -3.62 -19.48 -0.49
N LEU B 134 -3.76 -19.59 0.83
CA LEU B 134 -4.69 -18.75 1.56
C LEU B 134 -4.06 -17.41 1.79
N THR B 135 -4.85 -16.37 1.56
CA THR B 135 -4.39 -15.03 1.77
C THR B 135 -5.24 -14.23 2.72
N THR B 136 -6.52 -14.58 2.84
CA THR B 136 -7.46 -13.86 3.73
C THR B 136 -8.19 -14.83 4.63
N LEU B 137 -8.16 -14.55 5.93
CA LEU B 137 -8.77 -15.44 6.90
C LEU B 137 -9.43 -14.58 7.93
N ASN B 138 -10.74 -14.68 8.03
CA ASN B 138 -11.50 -13.86 8.94
C ASN B 138 -12.12 -14.75 9.97
N LEU B 139 -11.60 -14.66 11.19
CA LEU B 139 -12.15 -15.38 12.33
C LEU B 139 -12.77 -14.44 13.36
N SER B 140 -13.12 -13.23 12.94
CA SER B 140 -13.65 -12.24 13.88
C SER B 140 -15.02 -12.61 14.43
N ASN B 141 -15.38 -11.99 15.54
CA ASN B 141 -16.68 -12.21 16.18
C ASN B 141 -17.02 -13.66 16.39
N ASN B 142 -16.15 -14.34 17.10
CA ASN B 142 -16.42 -15.67 17.58
C ASN B 142 -16.25 -15.66 19.10
N ASN B 143 -15.97 -16.81 19.70
CA ASN B 143 -15.65 -16.86 21.12
C ASN B 143 -14.33 -17.53 21.34
N LEU B 144 -13.41 -17.30 20.43
CA LEU B 144 -12.09 -17.93 20.52
C LEU B 144 -11.39 -17.49 21.78
N ALA B 145 -11.05 -18.47 22.60
CA ALA B 145 -10.34 -18.24 23.84
C ALA B 145 -9.14 -19.16 23.96
N ASN B 146 -8.99 -20.07 23.02
CA ASN B 146 -7.91 -21.03 23.03
C ASN B 146 -7.39 -21.31 21.65
N LEU B 147 -6.08 -21.18 21.50
CA LEU B 147 -5.42 -21.50 20.26
C LEU B 147 -4.14 -22.26 20.55
N ASN B 148 -3.76 -23.17 19.67
CA ASN B 148 -2.39 -23.73 19.75
C ASN B 148 -1.38 -22.93 18.88
N ASP B 149 -0.14 -22.84 19.36
CA ASP B 149 0.93 -22.16 18.62
C ASP B 149 0.92 -22.62 17.16
N LYS B 150 0.70 -23.89 16.91
CA LYS B 150 0.70 -24.38 15.52
C LYS B 150 -0.66 -24.27 14.76
N VAL B 151 -1.53 -23.40 15.25
CA VAL B 151 -2.83 -23.25 14.64
C VAL B 151 -2.73 -22.60 13.24
N PHE B 152 -1.91 -21.55 13.08
CA PHE B 152 -1.73 -20.84 11.80
C PHE B 152 -0.49 -21.29 11.04
N GLU B 153 0.02 -22.44 11.43
CA GLU B 153 1.12 -23.08 10.75
C GLU B 153 0.74 -23.49 9.33
N GLY B 154 1.58 -23.08 8.38
CA GLY B 154 1.39 -23.39 6.97
C GLY B 154 0.70 -22.34 6.16
N LEU B 155 0.32 -21.23 6.79
CA LEU B 155 -0.26 -20.09 6.09
C LEU B 155 0.81 -19.09 5.72
N THR B 156 1.77 -19.56 4.97
CA THR B 156 2.92 -18.79 4.58
C THR B 156 2.57 -17.61 3.64
N ASN B 157 1.46 -17.69 2.91
CA ASN B 157 1.05 -16.63 1.99
C ASN B 157 -0.08 -15.78 2.52
N LEU B 158 -0.42 -15.99 3.79
CA LEU B 158 -1.51 -15.25 4.41
C LEU B 158 -1.11 -13.81 4.53
N THR B 159 -2.01 -12.94 4.13
CA THR B 159 -1.72 -11.48 4.18
C THR B 159 -2.68 -10.70 5.08
N THR B 160 -3.86 -11.25 5.31
CA THR B 160 -4.85 -10.61 6.16
C THR B 160 -5.45 -11.61 7.14
N LEU B 161 -5.38 -11.26 8.42
CA LEU B 161 -5.86 -12.12 9.47
C LEU B 161 -6.67 -11.27 10.39
N ASN B 162 -7.94 -11.62 10.58
CA ASN B 162 -8.81 -10.84 11.44
C ASN B 162 -9.28 -11.65 12.64
N LEU B 163 -8.86 -11.27 13.84
CA LEU B 163 -9.20 -11.97 15.04
C LEU B 163 -9.92 -11.07 16.03
N SER B 164 -10.63 -10.05 15.54
CA SER B 164 -11.39 -9.12 16.41
C SER B 164 -12.48 -9.78 17.19
N ASN B 165 -12.90 -9.12 18.25
CA ASN B 165 -14.05 -9.56 19.02
C ASN B 165 -13.98 -11.04 19.31
N ASN B 166 -12.96 -11.42 20.06
CA ASN B 166 -12.84 -12.76 20.54
C ASN B 166 -12.44 -12.69 22.00
N ASN B 167 -11.91 -13.78 22.55
CA ASN B 167 -11.53 -13.80 23.94
C ASN B 167 -10.15 -14.41 24.14
N LEU B 168 -9.17 -13.82 23.49
CA LEU B 168 -7.83 -14.38 23.50
C LEU B 168 -6.90 -13.74 24.47
N ALA B 169 -7.42 -12.94 25.41
CA ALA B 169 -6.59 -12.16 26.33
C ALA B 169 -5.62 -12.98 27.19
N ARG B 170 -6.10 -14.11 27.70
CA ARG B 170 -5.32 -15.00 28.54
C ARG B 170 -4.11 -15.58 27.84
N LEU B 171 -4.21 -15.74 26.52
CA LEU B 171 -3.16 -16.41 25.77
C LEU B 171 -1.85 -15.65 25.83
N TRP B 172 -1.91 -14.41 26.32
CA TRP B 172 -0.72 -13.58 26.40
C TRP B 172 -0.50 -13.05 27.82
N LYS B 173 -0.27 -13.96 28.75
CA LYS B 173 0.07 -13.61 30.11
C LYS B 173 1.11 -14.55 30.64
N HIS B 174 2.12 -14.02 31.33
CA HIS B 174 3.11 -14.90 31.93
C HIS B 174 2.42 -15.90 32.85
N ALA B 175 1.34 -15.48 33.51
CA ALA B 175 0.66 -16.36 34.41
C ALA B 175 -0.12 -17.41 33.63
N ASN B 176 0.05 -17.48 32.32
CA ASN B 176 -0.78 -18.40 31.57
C ASN B 176 -0.07 -19.72 31.81
N PRO B 177 -0.84 -20.81 31.99
CA PRO B 177 -0.18 -22.10 32.21
C PRO B 177 0.74 -22.53 31.05
N GLY B 178 2.04 -22.59 31.31
CA GLY B 178 3.02 -22.99 30.30
C GLY B 178 3.50 -21.81 29.49
N GLY B 179 3.19 -20.60 29.95
CA GLY B 179 3.64 -19.36 29.33
C GLY B 179 2.81 -18.81 28.18
N PRO B 180 3.23 -17.65 27.62
CA PRO B 180 2.44 -17.09 26.54
C PRO B 180 2.46 -17.97 25.31
N ILE B 181 1.43 -17.83 24.50
CA ILE B 181 1.23 -18.66 23.30
C ILE B 181 1.49 -17.85 22.04
N TYR B 182 2.58 -18.19 21.36
CA TYR B 182 3.04 -17.47 20.19
C TYR B 182 2.35 -17.99 18.92
N PHE B 183 1.08 -17.68 18.80
CA PHE B 183 0.30 -18.20 17.68
C PHE B 183 0.46 -17.39 16.39
N LEU B 184 1.41 -16.47 16.33
CA LEU B 184 1.66 -15.78 15.07
C LEU B 184 3.03 -16.16 14.47
N LYS B 185 3.62 -17.29 14.88
CA LYS B 185 4.89 -17.71 14.31
C LYS B 185 4.75 -17.93 12.83
N GLY B 186 5.76 -17.52 12.09
CA GLY B 186 5.88 -17.80 10.67
C GLY B 186 4.93 -17.11 9.71
N LEU B 187 4.28 -16.04 10.13
CA LEU B 187 3.41 -15.25 9.23
C LEU B 187 4.20 -14.15 8.56
N THR B 188 5.26 -14.61 7.90
CA THR B 188 6.23 -13.78 7.26
C THR B 188 5.64 -12.79 6.22
N ASN B 189 4.51 -13.15 5.60
CA ASN B 189 3.87 -12.29 4.61
C ASN B 189 2.63 -11.59 5.07
N LEU B 190 2.29 -11.74 6.34
CA LEU B 190 1.11 -11.09 6.87
C LEU B 190 1.30 -9.61 6.82
N THR B 191 0.30 -8.90 6.36
CA THR B 191 0.38 -7.42 6.24
C THR B 191 -0.67 -6.65 7.02
N THR B 192 -1.81 -7.29 7.30
CA THR B 192 -2.87 -6.69 8.07
C THR B 192 -3.26 -7.65 9.17
N LEU B 193 -3.30 -7.16 10.40
CA LEU B 193 -3.68 -7.96 11.55
C LEU B 193 -4.62 -7.19 12.42
N ASN B 194 -5.76 -7.76 12.78
CA ASN B 194 -6.74 -7.08 13.62
C ASN B 194 -6.96 -7.85 14.90
N LEU B 195 -6.45 -7.33 16.01
CA LEU B 195 -6.59 -8.01 17.29
C LEU B 195 -7.44 -7.20 18.23
N SER B 196 -8.29 -6.33 17.69
CA SER B 196 -9.07 -5.45 18.56
C SER B 196 -10.07 -6.23 19.32
N ASN B 197 -10.56 -5.63 20.39
CA ASN B 197 -11.61 -6.19 21.19
C ASN B 197 -11.38 -7.60 21.69
N ASN B 198 -10.25 -7.86 22.31
CA ASN B 198 -9.96 -9.17 22.87
C ASN B 198 -9.70 -9.20 24.34
N GLY B 199 -9.47 -8.05 24.94
CA GLY B 199 -9.29 -7.97 26.39
C GLY B 199 -7.83 -8.10 26.76
N PHE B 200 -6.93 -7.84 25.82
CA PHE B 200 -5.52 -7.92 26.07
C PHE B 200 -5.20 -6.88 27.09
N ASP B 201 -4.38 -7.25 28.07
CA ASP B 201 -3.86 -6.31 29.08
C ASP B 201 -2.33 -6.41 29.27
N GLU B 202 -1.69 -7.33 28.59
CA GLU B 202 -0.25 -7.48 28.62
C GLU B 202 0.09 -8.22 27.35
N PHE B 203 1.28 -8.01 26.81
CA PHE B 203 1.70 -8.66 25.57
C PHE B 203 3.21 -8.67 25.56
N PRO B 204 3.79 -9.82 25.24
CA PRO B 204 5.25 -9.91 25.17
C PRO B 204 5.81 -9.59 23.81
N LYS B 205 7.08 -9.21 23.78
CA LYS B 205 7.61 -8.73 22.52
C LYS B 205 7.72 -9.86 21.48
N GLU B 206 7.84 -11.09 21.98
CA GLU B 206 7.99 -12.29 21.20
C GLU B 206 6.69 -12.67 20.53
N VAL B 207 5.62 -11.90 20.66
CA VAL B 207 4.43 -12.18 19.82
C VAL B 207 4.50 -11.77 18.34
N PHE B 208 4.97 -10.57 18.05
CA PHE B 208 5.04 -10.08 16.68
C PHE B 208 6.41 -10.28 16.05
N LYS B 209 7.15 -11.28 16.50
CA LYS B 209 8.54 -11.46 16.12
C LYS B 209 8.77 -11.81 14.66
N ASP B 210 7.76 -12.35 14.00
CA ASP B 210 7.92 -12.83 12.63
C ASP B 210 7.16 -12.00 11.58
N LEU B 211 6.31 -11.11 12.05
CA LEU B 211 5.48 -10.35 11.19
C LEU B 211 6.36 -9.24 10.67
N THR B 212 7.16 -9.51 9.66
CA THR B 212 8.03 -8.51 9.06
C THR B 212 7.32 -7.71 7.93
N SER B 213 6.36 -8.30 7.24
CA SER B 213 5.69 -7.58 6.19
C SER B 213 4.53 -6.77 6.73
N LEU B 214 4.37 -6.76 8.04
CA LEU B 214 3.22 -6.10 8.63
C LEU B 214 3.21 -4.61 8.38
N THR B 215 2.09 -4.11 7.87
CA THR B 215 1.89 -2.69 7.68
C THR B 215 0.76 -2.13 8.51
N THR B 216 -0.19 -2.95 8.90
CA THR B 216 -1.35 -2.47 9.63
C THR B 216 -1.61 -3.31 10.85
N LEU B 217 -1.68 -2.69 12.01
CA LEU B 217 -1.93 -3.44 13.23
C LEU B 217 -2.99 -2.74 14.01
N ASN B 218 -4.09 -3.40 14.27
CA ASN B 218 -5.14 -2.83 15.09
C ASN B 218 -5.19 -3.49 16.46
N LEU B 219 -4.88 -2.73 17.50
CA LEU B 219 -4.97 -3.22 18.87
C LEU B 219 -5.94 -2.40 19.69
N SER B 220 -6.85 -1.72 19.02
CA SER B 220 -7.79 -0.87 19.72
C SER B 220 -8.75 -1.67 20.54
N ASN B 221 -9.39 -1.01 21.50
CA ASN B 221 -10.43 -1.64 22.33
C ASN B 221 -10.01 -2.83 23.15
N ASN B 222 -8.74 -2.86 23.53
CA ASN B 222 -8.26 -3.83 24.50
C ASN B 222 -8.06 -3.17 25.87
N GLN B 223 -7.32 -3.80 26.76
CA GLN B 223 -7.14 -3.28 28.13
C GLN B 223 -5.67 -2.98 28.44
N LEU B 224 -4.95 -2.64 27.38
CA LEU B 224 -3.52 -2.49 27.46
C LEU B 224 -3.21 -1.27 28.25
N THR B 225 -2.26 -1.48 29.16
CA THR B 225 -1.79 -0.48 30.08
C THR B 225 -0.38 0.04 29.71
N SER B 226 0.33 -0.73 28.90
CA SER B 226 1.68 -0.39 28.43
C SER B 226 2.10 -1.33 27.30
N LEU B 227 3.19 -0.97 26.62
CA LEU B 227 3.77 -1.78 25.56
C LEU B 227 5.21 -2.11 25.94
N PRO B 228 5.75 -3.21 25.40
CA PRO B 228 7.16 -3.54 25.56
C PRO B 228 8.11 -2.82 24.60
N GLN B 229 9.41 -2.91 24.88
CA GLN B 229 10.44 -2.36 23.99
C GLN B 229 10.91 -3.35 22.94
N GLY B 230 11.29 -2.86 21.76
CA GLY B 230 11.79 -3.70 20.68
C GLY B 230 10.78 -4.05 19.62
N VAL B 231 9.50 -3.80 19.89
CA VAL B 231 8.44 -4.12 18.92
C VAL B 231 8.55 -3.26 17.63
N PHE B 232 8.62 -1.96 17.78
CA PHE B 232 8.65 -1.08 16.63
C PHE B 232 9.91 -1.29 15.81
N GLU B 233 11.01 -1.62 16.48
CA GLU B 233 12.27 -1.94 15.82
C GLU B 233 12.12 -3.09 14.83
N ARG B 234 11.29 -4.08 15.15
CA ARG B 234 11.05 -5.23 14.27
C ARG B 234 10.10 -4.96 13.14
N LEU B 235 9.04 -4.25 13.43
CA LEU B 235 8.00 -4.04 12.46
C LEU B 235 8.35 -2.84 11.61
N THR B 236 9.38 -3.02 10.80
CA THR B 236 9.93 -1.96 9.99
C THR B 236 8.99 -1.42 8.94
N ASN B 237 7.97 -2.18 8.55
CA ASN B 237 7.03 -1.71 7.55
C ASN B 237 5.69 -1.24 8.13
N LEU B 238 5.63 -1.01 9.42
CA LEU B 238 4.38 -0.64 10.05
C LEU B 238 3.99 0.82 9.82
N LYS B 239 2.80 1.03 9.28
CA LYS B 239 2.31 2.37 8.92
C LYS B 239 1.07 2.79 9.70
N THR B 240 0.24 1.83 10.06
CA THR B 240 -0.99 2.09 10.77
C THR B 240 -1.06 1.28 12.01
N LEU B 241 -1.15 1.94 13.14
CA LEU B 241 -1.19 1.25 14.41
C LEU B 241 -2.32 1.88 15.20
N ASN B 242 -3.42 1.15 15.40
CA ASN B 242 -4.52 1.69 16.14
C ASN B 242 -4.48 1.20 17.57
N LEU B 243 -4.21 2.12 18.51
CA LEU B 243 -4.20 1.79 19.94
C LEU B 243 -5.29 2.47 20.74
N SER B 244 -6.26 3.06 20.08
CA SER B 244 -7.27 3.78 20.80
C SER B 244 -8.04 2.87 21.77
N ASN B 245 -8.75 3.49 22.69
CA ASN B 245 -9.57 2.79 23.65
C ASN B 245 -8.80 1.75 24.42
N ASN B 246 -7.62 2.15 24.85
CA ASN B 246 -6.80 1.30 25.68
C ASN B 246 -6.43 1.96 26.98
N GLN B 247 -6.11 1.14 27.97
CA GLN B 247 -5.78 1.65 29.28
C GLN B 247 -4.35 2.10 29.29
N LEU B 248 -4.00 3.08 28.48
CA LEU B 248 -2.63 3.29 28.11
C LEU B 248 -1.87 4.36 28.90
N GLN B 249 -1.25 3.86 29.97
CA GLN B 249 -0.67 4.70 30.99
C GLN B 249 0.84 4.79 31.09
N SER B 250 1.18 5.41 32.21
CA SER B 250 2.55 5.56 32.67
C SER B 250 2.95 4.35 33.51
N LEU B 251 4.20 3.88 33.31
CA LEU B 251 4.82 2.84 34.16
C LEU B 251 4.97 3.36 35.60
N PRO B 252 4.29 2.73 36.56
CA PRO B 252 4.18 3.43 37.86
C PRO B 252 5.51 3.51 38.69
N THR B 253 5.79 4.67 39.30
CA THR B 253 7.14 5.03 39.81
C THR B 253 7.21 5.29 41.34
N THR C 1 37.96 -25.01 7.53
CA THR C 1 38.34 -26.48 7.55
C THR C 1 38.58 -27.14 8.92
N ILE C 2 37.97 -28.30 9.08
CA ILE C 2 38.04 -29.18 10.24
C ILE C 2 38.81 -30.42 9.84
N THR C 3 39.62 -30.94 10.74
CA THR C 3 40.44 -32.12 10.42
C THR C 3 40.08 -33.38 11.22
N VAL C 4 39.17 -33.24 12.18
CA VAL C 4 38.69 -34.39 12.95
C VAL C 4 37.20 -34.22 13.26
N SER C 5 36.52 -35.30 13.59
CA SER C 5 35.09 -35.26 13.82
C SER C 5 34.83 -34.36 15.01
N THR C 6 33.99 -33.35 14.85
CA THR C 6 33.76 -32.33 15.88
C THR C 6 32.26 -32.09 16.15
N PRO C 7 31.89 -31.83 17.42
CA PRO C 7 30.48 -31.53 17.66
C PRO C 7 30.02 -30.28 16.94
N ILE C 8 28.75 -30.28 16.55
CA ILE C 8 28.14 -29.16 15.85
C ILE C 8 28.10 -27.96 16.77
N LYS C 9 27.67 -28.17 18.01
CA LYS C 9 27.54 -27.07 18.96
C LYS C 9 28.85 -26.34 19.15
N GLN C 10 29.95 -27.03 18.89
CA GLN C 10 31.28 -26.47 19.04
C GLN C 10 31.69 -25.52 17.94
N ILE C 11 31.40 -25.89 16.70
CA ILE C 11 31.70 -25.06 15.55
C ILE C 11 30.74 -23.86 15.45
N PHE C 12 29.48 -24.11 15.75
CA PHE C 12 28.39 -23.16 15.61
C PHE C 12 27.89 -22.79 16.98
N PRO C 13 28.58 -21.85 17.63
CA PRO C 13 28.26 -21.41 18.99
C PRO C 13 26.82 -20.91 19.23
N ASP C 14 26.23 -20.23 18.25
CA ASP C 14 24.83 -19.78 18.38
C ASP C 14 23.86 -20.99 18.37
N ASP C 15 22.97 -21.05 19.37
CA ASP C 15 22.04 -22.17 19.53
C ASP C 15 21.11 -22.30 18.33
N ALA C 16 20.36 -21.24 18.07
CA ALA C 16 19.47 -21.21 16.94
C ALA C 16 20.15 -21.73 15.68
N PHE C 17 21.36 -21.23 15.41
CA PHE C 17 22.05 -21.57 14.16
C PHE C 17 22.62 -22.98 14.18
N ALA C 18 23.12 -23.41 15.32
CA ALA C 18 23.49 -24.80 15.51
C ALA C 18 22.35 -25.79 15.17
N GLU C 19 21.17 -25.59 15.75
CA GLU C 19 20.00 -26.43 15.47
C GLU C 19 19.67 -26.42 13.98
N THR C 20 19.87 -25.27 13.33
CA THR C 20 19.62 -25.18 11.90
C THR C 20 20.52 -26.12 11.13
N ILE C 21 21.83 -26.04 11.42
CA ILE C 21 22.80 -26.97 10.85
C ILE C 21 22.46 -28.44 11.16
N LYS C 22 22.06 -28.69 12.40
CA LYS C 22 21.68 -30.05 12.78
C LYS C 22 20.62 -30.59 11.84
N ALA C 23 19.53 -29.85 11.74
CA ALA C 23 18.43 -30.23 10.88
C ALA C 23 18.86 -30.49 9.42
N ASN C 24 19.71 -29.63 8.88
CA ASN C 24 20.14 -29.81 7.52
C ASN C 24 21.07 -31.00 7.33
N LEU C 25 21.77 -31.40 8.37
CA LEU C 25 22.59 -32.61 8.30
C LEU C 25 21.85 -33.86 8.74
N LYS C 26 20.61 -33.67 9.22
CA LYS C 26 19.76 -34.76 9.65
C LYS C 26 20.35 -35.55 10.83
N LYS C 27 20.89 -34.80 11.79
CA LYS C 27 21.44 -35.36 13.00
C LYS C 27 20.41 -35.25 14.11
N LYS C 28 20.52 -36.13 15.09
CA LYS C 28 19.56 -36.14 16.20
C LYS C 28 19.86 -35.05 17.23
N SER C 29 21.12 -34.88 17.55
CA SER C 29 21.52 -33.92 18.56
C SER C 29 22.47 -32.89 18.00
N VAL C 30 22.44 -31.73 18.62
CA VAL C 30 23.35 -30.67 18.29
C VAL C 30 24.78 -30.97 18.82
N THR C 31 24.91 -31.97 19.69
CA THR C 31 26.24 -32.40 20.15
C THR C 31 26.85 -33.48 19.29
N ASP C 32 26.09 -34.05 18.35
CA ASP C 32 26.64 -35.06 17.45
C ASP C 32 27.83 -34.53 16.69
N ALA C 33 28.85 -35.37 16.59
CA ALA C 33 30.05 -35.01 15.89
C ALA C 33 29.80 -35.03 14.40
N VAL C 34 30.61 -34.27 13.66
CA VAL C 34 30.50 -34.19 12.22
C VAL C 34 31.86 -33.99 11.59
N THR C 35 31.97 -34.44 10.36
CA THR C 35 33.22 -34.35 9.63
C THR C 35 33.17 -33.26 8.60
N GLN C 36 34.35 -32.77 8.21
CA GLN C 36 34.42 -31.76 7.16
C GLN C 36 33.63 -32.20 5.93
N ASN C 37 33.72 -33.48 5.59
CA ASN C 37 32.90 -34.05 4.52
C ASN C 37 31.42 -33.78 4.63
N GLU C 38 30.86 -34.03 5.80
CA GLU C 38 29.44 -33.78 6.02
C GLU C 38 29.11 -32.31 5.84
N LEU C 39 30.03 -31.43 6.24
CA LEU C 39 29.81 -29.99 6.09
C LEU C 39 29.92 -29.53 4.64
N ASN C 40 30.76 -30.22 3.87
CA ASN C 40 30.87 -29.92 2.45
C ASN C 40 29.61 -30.24 1.67
N SER C 41 28.75 -31.08 2.24
CA SER C 41 27.54 -31.49 1.56
C SER C 41 26.45 -30.42 1.61
N ILE C 42 26.62 -29.45 2.49
CA ILE C 42 25.66 -28.37 2.60
C ILE C 42 25.88 -27.29 1.57
N ASP C 43 24.88 -27.12 0.70
CA ASP C 43 24.93 -26.14 -0.37
C ASP C 43 23.82 -25.09 -0.28
N GLN C 44 22.95 -25.21 0.71
CA GLN C 44 21.99 -24.18 0.96
C GLN C 44 21.55 -24.19 2.41
N ILE C 45 21.14 -23.02 2.88
CA ILE C 45 20.62 -22.91 4.19
C ILE C 45 19.51 -21.92 4.12
N ILE C 46 18.37 -22.35 4.62
CA ILE C 46 17.21 -21.52 4.66
C ILE C 46 16.76 -21.39 6.10
N ALA C 47 17.01 -20.22 6.70
CA ALA C 47 16.76 -20.01 8.09
C ALA C 47 16.24 -18.61 8.34
N ASN C 48 15.10 -18.29 7.74
CA ASN C 48 14.48 -17.02 8.05
C ASN C 48 13.75 -17.04 9.39
N ASN C 49 13.66 -15.89 10.01
CA ASN C 49 12.91 -15.74 11.24
C ASN C 49 13.23 -16.81 12.26
N SER C 50 14.51 -17.10 12.39
CA SER C 50 14.99 -18.17 13.23
C SER C 50 15.73 -17.67 14.47
N ASP C 51 15.68 -16.37 14.72
CA ASP C 51 16.29 -15.79 15.96
C ASP C 51 17.82 -15.92 16.05
N ILE C 52 18.47 -16.20 14.94
CA ILE C 52 19.92 -16.36 14.86
C ILE C 52 20.65 -15.05 15.14
N LYS C 53 21.51 -15.04 16.15
CA LYS C 53 22.25 -13.84 16.52
C LYS C 53 23.64 -13.77 15.88
N SER C 54 24.19 -14.94 15.57
CA SER C 54 25.51 -15.03 14.97
C SER C 54 25.59 -16.25 14.07
N VAL C 55 26.17 -16.06 12.89
CA VAL C 55 26.43 -17.19 11.98
C VAL C 55 27.87 -17.68 12.04
N GLN C 56 28.56 -17.37 13.13
CA GLN C 56 29.86 -17.94 13.39
C GLN C 56 29.79 -19.46 13.16
N GLY C 57 30.75 -19.95 12.38
CA GLY C 57 30.88 -21.36 12.07
C GLY C 57 30.56 -21.57 10.61
N ILE C 58 29.79 -20.67 10.05
CA ILE C 58 29.44 -20.76 8.64
C ILE C 58 30.66 -20.74 7.73
N GLN C 59 31.79 -20.31 8.28
CA GLN C 59 33.06 -20.33 7.53
C GLN C 59 33.40 -21.71 7.01
N TYR C 60 32.95 -22.75 7.71
CA TYR C 60 33.29 -24.12 7.40
C TYR C 60 32.38 -24.77 6.39
N LEU C 61 31.34 -24.05 5.93
CA LEU C 61 30.53 -24.48 4.82
C LEU C 61 31.00 -23.85 3.50
N PRO C 62 32.07 -24.36 2.93
CA PRO C 62 32.54 -23.76 1.70
C PRO C 62 31.60 -23.79 0.51
N ASN C 63 30.60 -24.65 0.51
CA ASN C 63 29.84 -24.89 -0.71
C ASN C 63 28.43 -24.34 -0.68
N VAL C 64 28.18 -23.40 0.20
CA VAL C 64 26.88 -22.80 0.27
C VAL C 64 26.69 -21.92 -0.93
N ARG C 65 25.52 -22.05 -1.54
CA ARG C 65 25.16 -21.23 -2.68
C ARG C 65 23.96 -20.37 -2.42
N TYR C 66 23.05 -20.82 -1.58
CA TYR C 66 21.82 -20.12 -1.34
C TYR C 66 21.64 -19.96 0.14
N LEU C 67 21.66 -18.71 0.60
CA LEU C 67 21.66 -18.42 2.01
C LEU C 67 20.57 -17.42 2.35
N ALA C 68 19.57 -17.85 3.11
CA ALA C 68 18.41 -17.03 3.45
C ALA C 68 18.31 -16.75 4.95
N LEU C 69 18.82 -15.62 5.38
CA LEU C 69 18.93 -15.34 6.79
C LEU C 69 18.08 -14.14 7.13
N GLY C 70 17.02 -13.92 6.37
CA GLY C 70 16.14 -12.79 6.65
C GLY C 70 15.35 -12.98 7.91
N GLY C 71 15.13 -11.89 8.62
CA GLY C 71 14.26 -11.91 9.78
C GLY C 71 14.94 -12.38 11.03
N ASN C 72 16.26 -12.40 11.02
CA ASN C 72 17.05 -12.77 12.19
C ASN C 72 17.51 -11.55 12.93
N LYS C 73 18.51 -11.68 13.78
CA LYS C 73 19.04 -10.52 14.53
C LYS C 73 20.54 -10.44 14.32
N LEU C 74 20.98 -10.54 13.09
CA LEU C 74 22.39 -10.42 12.79
C LEU C 74 22.85 -8.96 12.81
N HIS C 75 23.89 -8.66 13.59
CA HIS C 75 24.46 -7.32 13.60
C HIS C 75 25.79 -7.28 12.85
N ASP C 76 26.38 -8.45 12.59
CA ASP C 76 27.68 -8.59 11.96
C ASP C 76 27.63 -9.71 10.93
N ILE C 77 28.27 -9.52 9.80
CA ILE C 77 28.24 -10.53 8.73
C ILE C 77 29.61 -10.85 8.19
N SER C 78 30.64 -10.60 8.99
CA SER C 78 32.00 -10.74 8.53
C SER C 78 32.40 -12.22 8.31
N ALA C 79 31.59 -13.15 8.80
CA ALA C 79 31.84 -14.59 8.59
C ALA C 79 31.49 -15.08 7.18
N LEU C 80 30.78 -14.28 6.40
CA LEU C 80 30.44 -14.67 5.04
C LEU C 80 31.55 -14.31 4.09
N LYS C 81 32.61 -13.70 4.64
CA LYS C 81 33.73 -13.17 3.85
C LYS C 81 34.37 -14.19 2.90
N GLU C 82 34.21 -15.47 3.16
CA GLU C 82 34.90 -16.47 2.36
C GLU C 82 34.02 -17.47 1.61
N LEU C 83 32.71 -17.30 1.68
CA LEU C 83 31.81 -18.18 0.99
C LEU C 83 31.77 -17.81 -0.46
N THR C 84 32.77 -18.22 -1.21
CA THR C 84 32.94 -17.75 -2.56
C THR C 84 31.96 -18.33 -3.58
N ASN C 85 31.23 -19.39 -3.24
CA ASN C 85 30.25 -19.94 -4.14
C ASN C 85 28.87 -19.43 -3.93
N LEU C 86 28.74 -18.44 -3.07
CA LEU C 86 27.45 -17.88 -2.77
C LEU C 86 26.90 -17.20 -3.99
N GLY C 87 25.63 -17.50 -4.25
CA GLY C 87 24.91 -16.94 -5.37
C GLY C 87 23.68 -16.13 -4.95
N TRP C 88 23.03 -16.50 -3.84
CA TRP C 88 21.82 -15.84 -3.33
C TRP C 88 21.94 -15.54 -1.85
N LEU C 89 21.82 -14.27 -1.46
CA LEU C 89 22.03 -13.86 -0.07
C LEU C 89 20.94 -12.90 0.36
N ASN C 90 20.08 -13.34 1.26
CA ASN C 90 19.04 -12.48 1.78
C ASN C 90 19.32 -12.17 3.24
N LEU C 91 19.68 -10.92 3.51
CA LEU C 91 19.94 -10.47 4.86
C LEU C 91 18.92 -9.45 5.32
N SER C 92 17.73 -9.51 4.75
CA SER C 92 16.74 -8.47 5.04
C SER C 92 16.30 -8.57 6.47
N ASN C 93 15.69 -7.51 6.97
CA ASN C 93 15.14 -7.51 8.34
C ASN C 93 16.03 -8.07 9.43
N ASN C 94 17.26 -7.63 9.41
CA ASN C 94 18.16 -7.91 10.52
C ASN C 94 18.40 -6.55 11.17
N GLN C 95 19.53 -6.36 11.80
CA GLN C 95 19.79 -5.08 12.43
C GLN C 95 21.16 -4.63 12.00
N LEU C 96 21.42 -4.64 10.71
CA LEU C 96 22.70 -4.22 10.24
C LEU C 96 22.69 -2.69 10.24
N GLU C 97 23.62 -2.10 10.96
CA GLU C 97 23.78 -0.67 10.96
C GLU C 97 24.88 -0.24 10.01
N THR C 98 25.66 -1.20 9.53
CA THR C 98 26.88 -0.94 8.74
C THR C 98 27.37 -2.23 8.11
N LEU C 99 28.26 -2.14 7.11
CA LEU C 99 28.94 -3.31 6.55
C LEU C 99 30.45 -3.18 6.68
N PRO C 100 31.12 -4.30 7.01
CA PRO C 100 32.58 -4.23 7.03
C PRO C 100 33.12 -3.76 5.70
N GLN C 101 34.27 -3.12 5.75
CA GLN C 101 34.99 -2.75 4.56
C GLN C 101 35.50 -3.98 3.91
N GLY C 102 34.93 -4.34 2.77
CA GLY C 102 35.28 -5.59 2.12
C GLY C 102 34.75 -6.85 2.79
N VAL C 103 33.46 -7.05 2.61
CA VAL C 103 32.76 -8.26 2.95
C VAL C 103 32.46 -9.00 1.69
N PHE C 104 32.13 -8.24 0.65
CA PHE C 104 31.70 -8.85 -0.56
C PHE C 104 32.85 -8.87 -1.55
N GLU C 105 34.08 -8.85 -1.04
CA GLU C 105 35.23 -8.84 -1.92
C GLU C 105 35.35 -10.13 -2.66
N LYS C 106 34.92 -11.18 -2.02
CA LYS C 106 35.22 -12.47 -2.55
C LYS C 106 34.04 -13.11 -3.22
N LEU C 107 32.86 -12.57 -2.99
CA LEU C 107 31.64 -13.24 -3.41
C LEU C 107 31.32 -12.97 -4.86
N THR C 108 32.21 -13.37 -5.74
CA THR C 108 32.12 -12.94 -7.11
C THR C 108 31.04 -13.64 -7.89
N ASN C 109 30.44 -14.68 -7.32
CA ASN C 109 29.39 -15.41 -8.03
C ASN C 109 28.02 -14.96 -7.60
N LEU C 110 27.98 -13.85 -6.88
CA LEU C 110 26.75 -13.42 -6.26
C LEU C 110 25.87 -12.76 -7.30
N THR C 111 24.59 -13.16 -7.31
CA THR C 111 23.63 -12.67 -8.29
C THR C 111 22.44 -11.97 -7.66
N THR C 112 22.10 -12.30 -6.43
CA THR C 112 21.03 -11.64 -5.71
C THR C 112 21.47 -11.26 -4.30
N LEU C 113 21.28 -10.00 -3.95
CA LEU C 113 21.69 -9.49 -2.64
C LEU C 113 20.59 -8.61 -2.12
N ASN C 114 19.97 -9.04 -1.03
CA ASN C 114 18.87 -8.30 -0.46
C ASN C 114 19.27 -7.78 0.92
N LEU C 115 19.50 -6.47 1.01
CA LEU C 115 19.86 -5.87 2.25
C LEU C 115 18.73 -5.00 2.77
N SER C 116 17.52 -5.27 2.33
CA SER C 116 16.44 -4.37 2.61
C SER C 116 16.06 -4.44 4.07
N ASN C 117 15.32 -3.44 4.54
CA ASN C 117 14.84 -3.40 5.90
C ASN C 117 15.91 -3.62 6.98
N ASN C 118 17.06 -3.03 6.76
CA ASN C 118 18.03 -2.91 7.84
C ASN C 118 18.06 -1.47 8.34
N GLN C 119 19.14 -1.10 9.03
CA GLN C 119 19.30 0.31 9.35
C GLN C 119 20.65 0.85 8.92
N LEU C 120 21.02 0.43 7.71
CA LEU C 120 22.17 0.99 7.01
C LEU C 120 21.96 2.47 6.68
N THR C 121 22.98 3.26 6.92
CA THR C 121 22.88 4.69 6.74
C THR C 121 23.93 5.22 5.74
N SER C 122 24.91 4.39 5.40
CA SER C 122 25.94 4.77 4.44
C SER C 122 26.56 3.48 3.93
N LEU C 123 27.32 3.52 2.84
CA LEU C 123 28.01 2.30 2.41
C LEU C 123 29.49 2.49 2.26
N PRO C 124 30.26 1.51 2.72
CA PRO C 124 31.71 1.71 2.60
C PRO C 124 32.12 1.99 1.15
N GLN C 125 33.36 2.40 0.99
CA GLN C 125 33.94 2.66 -0.32
C GLN C 125 34.24 1.33 -0.94
N GLY C 126 33.90 1.16 -2.22
CA GLY C 126 34.12 -0.10 -2.93
C GLY C 126 33.35 -1.31 -2.43
N VAL C 127 32.19 -1.09 -1.84
CA VAL C 127 31.47 -2.20 -1.25
C VAL C 127 31.01 -3.27 -2.29
N PHE C 128 30.75 -2.86 -3.53
CA PHE C 128 30.27 -3.80 -4.54
C PHE C 128 31.12 -3.79 -5.79
N GLU C 129 32.42 -3.53 -5.64
CA GLU C 129 33.31 -3.40 -6.78
C GLU C 129 33.58 -4.72 -7.47
N ARG C 130 33.55 -5.82 -6.72
CA ARG C 130 33.86 -7.13 -7.23
C ARG C 130 32.63 -7.83 -7.84
N LEU C 131 31.48 -7.58 -7.27
CA LEU C 131 30.24 -8.22 -7.68
C LEU C 131 29.89 -7.89 -9.11
N ALA C 132 30.44 -8.63 -10.07
CA ALA C 132 30.15 -8.40 -11.47
C ALA C 132 29.08 -9.31 -12.03
N SER C 133 28.69 -10.33 -11.27
CA SER C 133 27.66 -11.24 -11.66
C SER C 133 26.35 -10.89 -11.01
N LEU C 134 26.28 -9.72 -10.37
CA LEU C 134 25.09 -9.31 -9.62
C LEU C 134 24.03 -8.76 -10.53
N THR C 135 22.81 -9.18 -10.29
CA THR C 135 21.69 -8.76 -11.13
C THR C 135 20.59 -8.10 -10.34
N THR C 136 20.47 -8.44 -9.05
CA THR C 136 19.41 -7.91 -8.21
C THR C 136 20.01 -7.40 -6.94
N LEU C 137 19.68 -6.17 -6.58
CA LEU C 137 20.20 -5.55 -5.39
C LEU C 137 19.10 -4.74 -4.77
N ASN C 138 18.72 -5.14 -3.57
CA ASN C 138 17.63 -4.50 -2.89
C ASN C 138 18.18 -3.84 -1.64
N LEU C 139 18.21 -2.50 -1.65
CA LEU C 139 18.65 -1.71 -0.52
C LEU C 139 17.51 -0.90 0.04
N SER C 140 16.28 -1.30 -0.25
CA SER C 140 15.11 -0.51 0.19
C SER C 140 14.94 -0.53 1.70
N ASN C 141 14.18 0.44 2.20
CA ASN C 141 13.89 0.58 3.63
C ASN C 141 15.08 0.55 4.52
N ASN C 142 15.98 1.46 4.25
CA ASN C 142 17.12 1.66 5.12
C ASN C 142 17.12 3.13 5.50
N ASN C 143 18.25 3.68 5.86
CA ASN C 143 18.33 5.10 6.12
C ASN C 143 19.44 5.72 5.30
N LEU C 144 19.60 5.22 4.09
CA LEU C 144 20.64 5.72 3.21
C LEU C 144 20.39 7.18 2.89
N ALA C 145 21.38 8.01 3.20
CA ALA C 145 21.33 9.42 2.91
C ALA C 145 22.58 9.87 2.20
N ASN C 146 23.55 8.97 2.03
CA ASN C 146 24.76 9.31 1.37
C ASN C 146 25.27 8.16 0.55
N LEU C 147 25.60 8.47 -0.70
CA LEU C 147 26.20 7.51 -1.60
C LEU C 147 27.40 8.14 -2.31
N ASN C 148 28.45 7.36 -2.44
CA ASN C 148 29.62 7.73 -3.20
C ASN C 148 29.30 7.58 -4.69
N ASP C 149 29.88 8.46 -5.48
CA ASP C 149 29.70 8.46 -6.94
C ASP C 149 29.95 7.07 -7.51
N LYS C 150 31.02 6.42 -7.09
CA LYS C 150 31.38 5.12 -7.66
C LYS C 150 30.82 3.94 -6.83
N VAL C 151 29.67 4.13 -6.20
CA VAL C 151 29.10 3.08 -5.33
C VAL C 151 28.60 1.86 -6.12
N PHE C 152 27.95 2.11 -7.26
CA PHE C 152 27.40 1.04 -8.08
C PHE C 152 28.24 0.77 -9.31
N GLU C 153 29.44 1.32 -9.32
CA GLU C 153 30.39 1.06 -10.38
C GLU C 153 30.77 -0.42 -10.36
N GLY C 154 30.71 -1.03 -11.54
CA GLY C 154 31.09 -2.44 -11.73
C GLY C 154 29.92 -3.42 -11.72
N LEU C 155 28.75 -2.91 -11.34
CA LEU C 155 27.54 -3.70 -11.42
C LEU C 155 27.00 -3.65 -12.82
N THR C 156 27.83 -4.06 -13.76
CA THR C 156 27.53 -3.94 -15.16
C THR C 156 26.37 -4.84 -15.59
N ASN C 157 26.13 -5.90 -14.86
CA ASN C 157 25.05 -6.85 -15.19
C ASN C 157 23.85 -6.67 -14.31
N LEU C 158 23.83 -5.60 -13.53
CA LEU C 158 22.71 -5.33 -12.64
C LEU C 158 21.48 -5.01 -13.44
N THR C 159 20.36 -5.64 -13.11
CA THR C 159 19.11 -5.42 -13.83
C THR C 159 18.00 -4.88 -12.95
N THR C 160 18.09 -5.09 -11.66
CA THR C 160 17.10 -4.61 -10.72
C THR C 160 17.77 -3.94 -9.54
N LEU C 161 17.37 -2.70 -9.28
CA LEU C 161 17.94 -1.94 -8.19
C LEU C 161 16.80 -1.28 -7.45
N ASN C 162 16.69 -1.57 -6.15
CA ASN C 162 15.63 -1.02 -5.38
C ASN C 162 16.14 -0.14 -4.26
N LEU C 163 15.83 1.15 -4.34
CA LEU C 163 16.33 2.11 -3.37
C LEU C 163 15.20 2.83 -2.66
N SER C 164 14.02 2.22 -2.58
CA SER C 164 12.86 2.87 -1.95
C SER C 164 13.06 3.16 -0.50
N ASN C 165 12.25 4.07 0.00
CA ASN C 165 12.22 4.37 1.44
C ASN C 165 13.61 4.53 1.99
N ASN C 166 14.28 5.54 1.49
CA ASN C 166 15.56 5.91 2.02
C ASN C 166 15.55 7.42 2.11
N ASN C 167 16.72 8.03 2.22
CA ASN C 167 16.77 9.45 2.37
C ASN C 167 17.79 10.09 1.45
N LEU C 168 17.62 9.88 0.15
CA LEU C 168 18.62 10.31 -0.79
C LEU C 168 18.33 11.63 -1.44
N ALA C 169 17.29 12.32 -1.00
CA ALA C 169 16.78 13.52 -1.71
C ALA C 169 17.86 14.55 -2.01
N ARG C 170 18.74 14.77 -1.04
CA ARG C 170 19.83 15.77 -1.16
C ARG C 170 20.78 15.50 -2.32
N LEU C 171 20.99 14.22 -2.58
CA LEU C 171 21.99 13.83 -3.51
C LEU C 171 21.69 14.36 -4.88
N TRP C 172 20.49 14.88 -5.10
CA TRP C 172 20.12 15.43 -6.38
C TRP C 172 19.67 16.88 -6.27
N LYS C 173 20.57 17.82 -6.34
CA LYS C 173 20.04 19.16 -6.50
C LYS C 173 21.14 20.12 -6.91
N HIS C 174 20.76 21.39 -7.08
CA HIS C 174 21.67 22.44 -7.46
C HIS C 174 22.63 22.73 -6.25
N ALA C 175 22.05 23.08 -5.11
CA ALA C 175 22.80 23.21 -3.84
C ALA C 175 23.16 21.88 -3.14
N ASN C 176 24.22 21.24 -3.60
CA ASN C 176 24.83 20.14 -2.88
C ASN C 176 26.35 20.26 -2.77
N PRO C 177 26.92 19.86 -1.60
CA PRO C 177 28.37 19.93 -1.49
C PRO C 177 29.04 19.18 -2.65
N GLY C 178 29.34 19.96 -3.69
CA GLY C 178 29.98 19.45 -4.90
C GLY C 178 29.02 19.08 -6.02
N GLY C 179 27.75 19.52 -5.91
CA GLY C 179 26.74 19.29 -6.95
C GLY C 179 26.04 17.95 -6.90
N PRO C 180 25.17 17.70 -7.88
CA PRO C 180 24.48 16.41 -7.85
C PRO C 180 25.41 15.20 -8.00
N ILE C 181 24.97 14.09 -7.44
CA ILE C 181 25.74 12.86 -7.40
C ILE C 181 25.14 11.83 -8.34
N TYR C 182 25.87 11.55 -9.41
CA TYR C 182 25.39 10.70 -10.48
C TYR C 182 25.70 9.24 -10.19
N PHE C 183 24.99 8.72 -9.21
CA PHE C 183 25.26 7.36 -8.73
C PHE C 183 24.67 6.27 -9.60
N LEU C 184 24.15 6.60 -10.78
CA LEU C 184 23.64 5.59 -11.69
C LEU C 184 24.44 5.53 -13.00
N LYS C 185 25.66 6.07 -13.01
CA LYS C 185 26.50 5.93 -14.20
C LYS C 185 26.78 4.47 -14.51
N GLY C 186 26.75 4.14 -15.80
CA GLY C 186 27.14 2.83 -16.32
C GLY C 186 26.22 1.66 -16.07
N LEU C 187 24.97 1.90 -15.69
CA LEU C 187 24.02 0.81 -15.44
C LEU C 187 23.24 0.54 -16.73
N THR C 188 24.05 0.25 -17.73
CA THR C 188 23.64 0.01 -19.08
C THR C 188 22.60 -1.12 -19.21
N ASN C 189 22.64 -2.09 -18.31
CA ASN C 189 21.69 -3.20 -18.35
C ASN C 189 20.57 -3.13 -17.33
N LEU C 190 20.52 -2.07 -16.55
CA LEU C 190 19.47 -1.94 -15.55
C LEU C 190 18.13 -1.84 -16.23
N THR C 191 17.15 -2.58 -15.73
CA THR C 191 15.81 -2.60 -16.33
C THR C 191 14.69 -2.17 -15.38
N THR C 192 14.90 -2.34 -14.09
CA THR C 192 13.93 -1.91 -13.09
C THR C 192 14.65 -1.08 -12.04
N LEU C 193 14.10 0.10 -11.77
CA LEU C 193 14.67 0.98 -10.78
C LEU C 193 13.57 1.57 -9.92
N ASN C 194 13.72 1.47 -8.60
CA ASN C 194 12.70 1.97 -7.71
C ASN C 194 13.29 3.04 -6.81
N LEU C 195 12.90 4.28 -7.05
CA LEU C 195 13.41 5.39 -6.27
C LEU C 195 12.32 6.03 -5.48
N SER C 196 11.23 5.32 -5.21
CA SER C 196 10.10 5.94 -4.51
C SER C 196 10.49 6.31 -3.11
N ASN C 197 9.71 7.21 -2.53
CA ASN C 197 9.84 7.53 -1.14
C ASN C 197 11.20 7.93 -0.68
N ASN C 198 11.79 8.87 -1.38
CA ASN C 198 13.08 9.38 -0.99
C ASN C 198 13.12 10.88 -0.73
N GLY C 199 12.07 11.58 -1.11
CA GLY C 199 11.95 13.00 -0.79
C GLY C 199 12.54 13.85 -1.90
N PHE C 200 12.62 13.30 -3.11
CA PHE C 200 13.17 13.99 -4.28
C PHE C 200 12.32 15.13 -4.82
N ASP C 201 12.86 16.33 -4.79
CA ASP C 201 12.08 17.51 -5.15
C ASP C 201 12.57 18.10 -6.47
N GLU C 202 13.55 17.44 -7.09
CA GLU C 202 14.03 17.82 -8.39
C GLU C 202 14.99 16.75 -8.77
N PHE C 203 15.30 16.69 -10.04
CA PHE C 203 16.41 15.85 -10.46
C PHE C 203 16.92 16.25 -11.84
N PRO C 204 18.23 16.15 -12.07
CA PRO C 204 18.81 16.61 -13.34
C PRO C 204 18.75 15.56 -14.43
N LYS C 205 18.65 16.02 -15.66
CA LYS C 205 18.34 15.11 -16.75
C LYS C 205 19.46 14.13 -16.96
N GLU C 206 20.62 14.40 -16.36
CA GLU C 206 21.78 13.52 -16.48
C GLU C 206 21.75 12.25 -15.64
N VAL C 207 20.99 12.27 -14.55
CA VAL C 207 20.95 11.13 -13.65
C VAL C 207 20.63 9.82 -14.38
N PHE C 208 19.65 9.83 -15.29
CA PHE C 208 19.25 8.61 -16.02
C PHE C 208 19.92 8.48 -17.38
N LYS C 209 21.08 9.10 -17.55
CA LYS C 209 21.71 9.21 -18.87
C LYS C 209 22.21 7.88 -19.46
N ASP C 210 22.43 6.87 -18.63
CA ASP C 210 23.02 5.60 -19.08
C ASP C 210 22.05 4.42 -19.06
N LEU C 211 20.87 4.63 -18.48
CA LEU C 211 19.88 3.56 -18.27
C LEU C 211 19.07 3.23 -19.54
N THR C 212 19.74 2.66 -20.52
CA THR C 212 19.15 2.50 -21.84
C THR C 212 18.28 1.27 -21.87
N SER C 213 18.57 0.27 -21.05
CA SER C 213 17.71 -0.90 -21.00
C SER C 213 16.52 -0.72 -20.07
N LEU C 214 16.37 0.46 -19.48
CA LEU C 214 15.34 0.67 -18.48
C LEU C 214 13.94 0.54 -19.03
N THR C 215 13.13 -0.29 -18.37
CA THR C 215 11.74 -0.47 -18.73
C THR C 215 10.79 -0.02 -17.64
N THR C 216 11.24 0.01 -16.40
CA THR C 216 10.37 0.33 -15.30
C THR C 216 11.03 1.34 -14.42
N LEU C 217 10.36 2.46 -14.18
CA LEU C 217 10.90 3.45 -13.29
C LEU C 217 9.83 3.88 -12.30
N ASN C 218 10.08 3.71 -11.01
CA ASN C 218 9.16 4.16 -10.02
C ASN C 218 9.68 5.39 -9.28
N LEU C 219 9.03 6.54 -9.45
CA LEU C 219 9.38 7.75 -8.72
C LEU C 219 8.25 8.26 -7.85
N SER C 220 7.35 7.38 -7.48
CA SER C 220 6.20 7.81 -6.71
C SER C 220 6.61 8.22 -5.30
N ASN C 221 5.68 8.86 -4.60
CA ASN C 221 5.85 9.25 -3.19
C ASN C 221 7.08 10.08 -2.91
N ASN C 222 7.48 10.84 -3.90
CA ASN C 222 8.49 11.84 -3.70
C ASN C 222 7.87 13.23 -3.66
N GLN C 223 8.70 14.25 -3.76
CA GLN C 223 8.25 15.62 -3.58
C GLN C 223 8.61 16.39 -4.84
N LEU C 224 8.44 15.73 -5.99
CA LEU C 224 8.77 16.33 -7.29
C LEU C 224 7.67 17.24 -7.71
N THR C 225 8.08 18.42 -8.14
CA THR C 225 7.19 19.48 -8.51
C THR C 225 7.11 19.60 -10.04
N SER C 226 8.14 19.08 -10.72
CA SER C 226 8.17 19.10 -12.18
C SER C 226 9.26 18.16 -12.67
N LEU C 227 9.26 17.87 -13.97
CA LEU C 227 10.29 17.02 -14.58
C LEU C 227 11.05 17.80 -15.59
N PRO C 228 12.29 17.36 -15.86
CA PRO C 228 13.05 17.97 -16.93
C PRO C 228 12.68 17.41 -18.31
N GLN C 229 13.10 18.13 -19.35
CA GLN C 229 12.93 17.66 -20.71
C GLN C 229 14.11 16.79 -21.16
N GLY C 230 13.84 15.85 -22.07
CA GLY C 230 14.89 15.01 -22.66
C GLY C 230 15.01 13.63 -22.03
N VAL C 231 14.36 13.45 -20.88
CA VAL C 231 14.43 12.18 -20.16
C VAL C 231 13.79 11.04 -20.96
N PHE C 232 12.56 11.25 -21.42
CA PHE C 232 11.83 10.21 -22.15
C PHE C 232 12.51 9.87 -23.46
N GLU C 233 13.10 10.88 -24.09
CA GLU C 233 13.86 10.70 -25.32
C GLU C 233 15.01 9.68 -25.17
N ARG C 234 15.65 9.67 -24.00
CA ARG C 234 16.75 8.75 -23.71
C ARG C 234 16.30 7.34 -23.34
N LEU C 235 15.25 7.26 -22.53
CA LEU C 235 14.79 5.99 -22.03
C LEU C 235 13.85 5.30 -23.02
N THR C 236 14.42 4.86 -24.11
CA THR C 236 13.63 4.39 -25.24
C THR C 236 12.85 3.12 -24.95
N ASN C 237 13.23 2.37 -23.93
CA ASN C 237 12.53 1.14 -23.60
C ASN C 237 11.63 1.27 -22.40
N LEU C 238 11.31 2.49 -21.99
CA LEU C 238 10.53 2.71 -20.80
C LEU C 238 9.06 2.44 -21.03
N LYS C 239 8.49 1.53 -20.24
CA LYS C 239 7.08 1.14 -20.37
C LYS C 239 6.23 1.54 -19.16
N THR C 240 6.84 1.55 -17.99
CA THR C 240 6.11 1.83 -16.79
C THR C 240 6.80 2.93 -16.06
N LEU C 241 6.07 4.00 -15.80
CA LEU C 241 6.64 5.11 -15.07
C LEU C 241 5.65 5.55 -14.00
N ASN C 242 5.96 5.31 -12.74
CA ASN C 242 5.02 5.62 -11.69
C ASN C 242 5.44 6.95 -11.09
N LEU C 243 4.60 7.97 -11.28
CA LEU C 243 4.85 9.29 -10.69
C LEU C 243 3.83 9.71 -9.65
N SER C 244 2.99 8.79 -9.19
CA SER C 244 1.91 9.17 -8.30
C SER C 244 2.45 9.76 -7.01
N ASN C 245 1.57 10.47 -6.32
CA ASN C 245 1.88 11.09 -5.05
C ASN C 245 3.09 11.98 -5.12
N ASN C 246 3.10 12.81 -6.15
CA ASN C 246 4.06 13.87 -6.28
C ASN C 246 3.22 15.12 -6.33
N GLN C 247 3.86 16.27 -6.27
CA GLN C 247 3.09 17.51 -6.37
C GLN C 247 2.46 17.73 -7.80
N LEU C 248 3.16 17.23 -8.83
CA LEU C 248 2.71 17.20 -10.25
C LEU C 248 1.18 17.11 -10.42
N GLN C 249 0.64 15.93 -10.05
CA GLN C 249 -0.80 15.58 -10.07
C GLN C 249 -1.67 16.75 -9.59
N SER C 250 -1.11 17.59 -8.72
CA SER C 250 -1.82 18.68 -8.08
C SER C 250 -1.08 20.02 -8.24
N LEU C 251 -0.08 20.06 -9.12
CA LEU C 251 0.70 21.27 -9.38
C LEU C 251 0.36 21.83 -10.77
N PRO C 252 0.09 23.15 -10.86
CA PRO C 252 -0.14 23.78 -12.17
C PRO C 252 1.14 24.36 -12.77
N THR C 253 1.69 25.40 -12.14
CA THR C 253 2.75 26.19 -12.79
C THR C 253 4.12 25.60 -12.48
N THR D 1 4.77 22.12 -38.05
CA THR D 1 6.13 22.67 -38.36
C THR D 1 6.21 24.16 -38.57
N ILE D 2 7.19 24.74 -37.89
CA ILE D 2 7.47 26.13 -37.94
C ILE D 2 8.84 26.31 -38.65
N THR D 3 8.96 27.37 -39.43
CA THR D 3 10.17 27.61 -40.24
C THR D 3 10.98 28.86 -39.84
N VAL D 4 10.45 29.66 -38.89
CA VAL D 4 11.11 30.88 -38.39
C VAL D 4 10.96 31.07 -36.85
N SER D 5 11.45 32.16 -36.29
CA SER D 5 11.10 32.41 -34.92
C SER D 5 9.72 33.10 -34.78
N THR D 6 8.85 32.52 -33.95
CA THR D 6 7.49 33.00 -33.76
C THR D 6 7.18 33.16 -32.26
N PRO D 7 6.32 34.12 -31.92
CA PRO D 7 5.94 34.19 -30.51
C PRO D 7 5.13 32.97 -30.06
N ILE D 8 5.29 32.62 -28.79
CA ILE D 8 4.58 31.50 -28.18
C ILE D 8 3.07 31.77 -28.18
N LYS D 9 2.69 32.97 -27.72
CA LYS D 9 1.27 33.32 -27.62
C LYS D 9 0.58 33.20 -28.96
N GLN D 10 1.34 33.28 -30.05
CA GLN D 10 0.79 33.16 -31.39
C GLN D 10 0.44 31.74 -31.80
N ILE D 11 1.33 30.78 -31.51
CA ILE D 11 1.13 29.37 -31.85
C ILE D 11 0.08 28.74 -30.93
N PHE D 12 0.15 29.12 -29.65
CA PHE D 12 -0.67 28.56 -28.57
C PHE D 12 -1.66 29.60 -28.07
N PRO D 13 -2.76 29.76 -28.77
CA PRO D 13 -3.73 30.83 -28.48
C PRO D 13 -4.27 30.83 -27.05
N ASP D 14 -4.45 29.64 -26.46
CA ASP D 14 -4.96 29.56 -25.09
C ASP D 14 -3.95 30.04 -24.06
N ASP D 15 -4.38 30.91 -23.15
CA ASP D 15 -3.45 31.59 -22.21
C ASP D 15 -2.80 30.59 -21.27
N ALA D 16 -3.64 29.86 -20.55
CA ALA D 16 -3.20 28.79 -19.65
C ALA D 16 -2.15 27.89 -20.33
N PHE D 17 -2.45 27.43 -21.55
CA PHE D 17 -1.57 26.50 -22.24
C PHE D 17 -0.29 27.18 -22.70
N ALA D 18 -0.42 28.41 -23.18
CA ALA D 18 0.74 29.19 -23.57
C ALA D 18 1.74 29.31 -22.42
N GLU D 19 1.27 29.73 -21.25
CA GLU D 19 2.11 29.88 -20.06
C GLU D 19 2.75 28.55 -19.70
N THR D 20 2.07 27.44 -20.01
CA THR D 20 2.63 26.11 -19.79
C THR D 20 3.85 25.86 -20.67
N ILE D 21 3.68 26.04 -21.97
CA ILE D 21 4.79 25.96 -22.90
C ILE D 21 5.95 26.87 -22.51
N LYS D 22 5.63 28.10 -22.10
CA LYS D 22 6.65 29.07 -21.69
C LYS D 22 7.54 28.44 -20.62
N ALA D 23 6.91 28.00 -19.54
CA ALA D 23 7.60 27.36 -18.42
C ALA D 23 8.46 26.18 -18.84
N ASN D 24 7.96 25.35 -19.75
CA ASN D 24 8.73 24.18 -20.19
C ASN D 24 9.89 24.56 -21.08
N LEU D 25 9.80 25.70 -21.76
CA LEU D 25 10.92 26.20 -22.57
C LEU D 25 11.82 27.16 -21.81
N LYS D 26 11.41 27.51 -20.59
CA LYS D 26 12.19 28.39 -19.72
C LYS D 26 12.37 29.81 -20.32
N LYS D 27 11.28 30.33 -20.87
CA LYS D 27 11.23 31.68 -21.39
C LYS D 27 10.59 32.62 -20.38
N LYS D 28 10.96 33.89 -20.46
CA LYS D 28 10.51 34.88 -19.49
C LYS D 28 9.10 35.32 -19.80
N SER D 29 8.83 35.53 -21.10
CA SER D 29 7.53 36.01 -21.54
C SER D 29 6.87 35.07 -22.52
N VAL D 30 5.54 35.08 -22.44
CA VAL D 30 4.76 34.28 -23.32
C VAL D 30 4.91 34.84 -24.71
N THR D 31 5.27 36.11 -24.84
CA THR D 31 5.47 36.73 -26.18
C THR D 31 6.84 36.43 -26.78
N ASP D 32 7.73 35.83 -26.02
CA ASP D 32 9.00 35.48 -26.59
C ASP D 32 8.76 34.55 -27.79
N ALA D 33 9.44 34.85 -28.87
CA ALA D 33 9.41 34.02 -30.05
C ALA D 33 10.24 32.75 -29.80
N VAL D 34 9.99 31.73 -30.61
CA VAL D 34 10.67 30.46 -30.46
C VAL D 34 10.82 29.78 -31.82
N THR D 35 11.81 28.91 -31.92
CA THR D 35 12.04 28.24 -33.16
C THR D 35 11.61 26.81 -33.07
N GLN D 36 11.39 26.29 -34.24
CA GLN D 36 10.96 24.95 -34.33
C GLN D 36 11.92 24.15 -33.47
N ASN D 37 13.21 24.37 -33.59
CA ASN D 37 14.15 23.59 -32.78
C ASN D 37 13.82 23.52 -31.30
N GLU D 38 13.49 24.68 -30.75
CA GLU D 38 13.14 24.75 -29.34
C GLU D 38 11.90 23.91 -29.05
N LEU D 39 10.95 23.88 -29.98
CA LEU D 39 9.73 23.09 -29.81
C LEU D 39 9.99 21.62 -29.95
N ASN D 40 10.96 21.24 -30.78
CA ASN D 40 11.34 19.85 -30.88
C ASN D 40 11.93 19.29 -29.59
N SER D 41 12.41 20.15 -28.70
CA SER D 41 13.07 19.68 -27.48
C SER D 41 12.05 19.19 -26.46
N ILE D 42 10.80 19.57 -26.65
CA ILE D 42 9.76 19.19 -25.73
C ILE D 42 9.31 17.78 -26.00
N ASP D 43 9.52 16.91 -25.02
CA ASP D 43 9.07 15.50 -25.08
C ASP D 43 8.03 15.12 -24.01
N GLN D 44 7.66 16.06 -23.15
CA GLN D 44 6.60 15.82 -22.21
C GLN D 44 5.96 17.11 -21.81
N ILE D 45 4.71 17.02 -21.42
CA ILE D 45 4.01 18.15 -20.86
C ILE D 45 3.11 17.64 -19.77
N ILE D 46 3.25 18.24 -18.60
CA ILE D 46 2.49 17.85 -17.45
C ILE D 46 1.74 19.05 -16.93
N ALA D 47 0.44 19.09 -17.20
CA ALA D 47 -0.34 20.27 -16.94
C ALA D 47 -1.71 19.91 -16.45
N ASN D 48 -1.77 19.23 -15.31
CA ASN D 48 -3.04 18.88 -14.71
C ASN D 48 -3.59 20.05 -13.90
N ASN D 49 -4.91 20.16 -13.85
CA ASN D 49 -5.60 21.21 -13.07
C ASN D 49 -5.11 22.59 -13.41
N SER D 50 -4.91 22.81 -14.71
CA SER D 50 -4.49 24.09 -15.24
C SER D 50 -5.79 24.58 -15.87
N ASP D 51 -5.86 25.80 -16.37
CA ASP D 51 -7.14 26.27 -16.73
C ASP D 51 -7.32 26.02 -18.23
N ILE D 52 -6.66 25.00 -18.79
CA ILE D 52 -6.51 24.88 -20.22
C ILE D 52 -7.82 24.56 -20.95
N LYS D 53 -8.26 25.48 -21.79
CA LYS D 53 -9.49 25.27 -22.57
C LYS D 53 -9.24 24.68 -23.97
N SER D 54 -8.04 24.90 -24.51
CA SER D 54 -7.68 24.43 -25.83
C SER D 54 -6.20 24.13 -25.90
N VAL D 55 -5.84 23.02 -26.54
CA VAL D 55 -4.44 22.69 -26.77
C VAL D 55 -4.00 22.99 -28.17
N GLN D 56 -4.75 23.87 -28.85
CA GLN D 56 -4.33 24.35 -30.17
C GLN D 56 -2.89 24.83 -30.12
N GLY D 57 -2.10 24.36 -31.08
CA GLY D 57 -0.67 24.65 -31.13
C GLY D 57 0.18 23.44 -30.76
N ILE D 58 -0.40 22.54 -29.99
CA ILE D 58 0.30 21.32 -29.65
C ILE D 58 0.70 20.53 -30.91
N GLN D 59 0.16 20.89 -32.06
CA GLN D 59 0.49 20.26 -33.34
C GLN D 59 1.94 20.35 -33.66
N TYR D 60 2.59 21.40 -33.17
CA TYR D 60 3.98 21.65 -33.46
C TYR D 60 5.00 20.82 -32.63
N LEU D 61 4.55 20.24 -31.53
CA LEU D 61 5.43 19.49 -30.65
C LEU D 61 5.50 18.05 -31.13
N PRO D 62 6.23 17.81 -32.21
CA PRO D 62 6.24 16.47 -32.79
C PRO D 62 6.87 15.38 -31.90
N ASN D 63 7.46 15.72 -30.75
CA ASN D 63 8.19 14.70 -29.98
C ASN D 63 7.71 14.52 -28.58
N VAL D 64 6.46 14.90 -28.35
CA VAL D 64 5.83 14.65 -27.07
C VAL D 64 5.57 13.15 -26.92
N ARG D 65 5.92 12.63 -25.75
CA ARG D 65 5.70 11.23 -25.41
C ARG D 65 4.76 11.08 -24.24
N TYR D 66 4.78 12.03 -23.33
CA TYR D 66 4.00 11.93 -22.14
C TYR D 66 3.19 13.18 -21.97
N LEU D 67 1.88 13.04 -22.04
CA LEU D 67 1.02 14.18 -22.04
C LEU D 67 -0.04 14.04 -20.99
N ALA D 68 -0.03 14.91 -20.00
CA ALA D 68 -0.93 14.83 -18.84
C ALA D 68 -1.82 16.06 -18.75
N LEU D 69 -3.04 15.95 -19.27
CA LEU D 69 -3.91 17.11 -19.33
C LEU D 69 -5.15 16.87 -18.52
N GLY D 70 -5.03 16.08 -17.47
CA GLY D 70 -6.16 15.84 -16.62
C GLY D 70 -6.59 17.06 -15.80
N GLY D 71 -7.89 17.20 -15.59
CA GLY D 71 -8.40 18.23 -14.71
C GLY D 71 -8.51 19.58 -15.36
N ASN D 72 -8.42 19.58 -16.69
CA ASN D 72 -8.57 20.79 -17.48
C ASN D 72 -9.92 20.76 -18.23
N LYS D 73 -10.24 21.83 -18.95
CA LYS D 73 -11.57 22.03 -19.50
C LYS D 73 -11.53 21.84 -21.01
N LEU D 74 -10.89 20.77 -21.46
CA LEU D 74 -10.80 20.44 -22.89
C LEU D 74 -12.07 19.88 -23.44
N HIS D 75 -12.92 20.56 -24.72
CA HIS D 75 -14.06 19.99 -25.31
C HIS D 75 -13.63 19.28 -26.60
N ASP D 76 -12.38 19.51 -27.06
CA ASP D 76 -11.92 19.01 -28.36
C ASP D 76 -10.46 18.56 -28.26
N ILE D 77 -10.13 17.46 -28.95
CA ILE D 77 -8.75 16.93 -28.91
C ILE D 77 -8.24 16.55 -30.30
N SER D 78 -8.82 17.18 -31.30
CA SER D 78 -8.49 16.85 -32.69
C SER D 78 -7.07 17.33 -33.03
N ALA D 79 -6.41 18.06 -32.12
CA ALA D 79 -5.02 18.52 -32.27
C ALA D 79 -3.96 17.48 -31.86
N LEU D 80 -4.35 16.28 -31.45
CA LEU D 80 -3.39 15.23 -31.07
C LEU D 80 -3.24 14.09 -32.05
N LYS D 81 -3.97 14.17 -33.18
CA LYS D 81 -3.95 13.19 -34.25
C LYS D 81 -2.60 13.02 -34.93
N GLU D 82 -1.67 13.96 -34.75
CA GLU D 82 -0.35 13.82 -35.39
C GLU D 82 0.82 13.57 -34.44
N LEU D 83 0.57 13.56 -33.13
CA LEU D 83 1.63 13.30 -32.19
C LEU D 83 1.89 11.80 -32.15
N THR D 84 2.63 11.31 -33.13
CA THR D 84 2.76 9.88 -33.33
C THR D 84 3.69 9.21 -32.32
N ASN D 85 4.48 9.98 -31.58
CA ASN D 85 5.38 9.39 -30.59
C ASN D 85 4.80 9.40 -29.20
N LEU D 86 3.51 9.70 -29.10
CA LEU D 86 2.79 9.69 -27.83
C LEU D 86 2.67 8.27 -27.25
N GLY D 87 3.06 8.16 -25.99
CA GLY D 87 3.03 6.90 -25.27
C GLY D 87 2.06 6.93 -24.11
N TRP D 88 1.93 8.09 -23.45
CA TRP D 88 1.05 8.25 -22.29
C TRP D 88 0.13 9.45 -22.48
N LEU D 89 -1.17 9.22 -22.38
CA LEU D 89 -2.12 10.29 -22.57
C LEU D 89 -3.18 10.24 -21.49
N ASN D 90 -3.21 11.25 -20.63
CA ASN D 90 -4.24 11.37 -19.61
C ASN D 90 -5.16 12.56 -19.87
N LEU D 91 -6.38 12.27 -20.32
CA LEU D 91 -7.37 13.31 -20.60
C LEU D 91 -8.51 13.28 -19.60
N SER D 92 -8.25 12.78 -18.40
CA SER D 92 -9.32 12.60 -17.45
C SER D 92 -9.87 13.95 -16.96
N ASN D 93 -11.06 13.95 -16.36
CA ASN D 93 -11.66 15.16 -15.79
C ASN D 93 -11.65 16.34 -16.69
N ASN D 94 -12.08 16.12 -17.91
CA ASN D 94 -12.27 17.21 -18.86
C ASN D 94 -13.76 17.33 -19.17
N GLN D 95 -14.13 17.85 -20.34
CA GLN D 95 -15.53 17.93 -20.71
C GLN D 95 -15.71 17.41 -22.12
N LEU D 96 -15.15 16.25 -22.39
CA LEU D 96 -15.29 15.66 -23.69
C LEU D 96 -16.64 15.01 -23.78
N GLU D 97 -17.42 15.43 -24.76
CA GLU D 97 -18.71 14.80 -25.01
C GLU D 97 -18.62 13.76 -26.06
N THR D 98 -17.50 13.75 -26.77
CA THR D 98 -17.39 12.99 -27.97
C THR D 98 -15.98 13.00 -28.43
N LEU D 99 -15.55 11.96 -29.70
CA LEU D 99 -14.16 11.89 -30.14
C LEU D 99 -14.15 11.92 -31.65
N PRO D 100 -13.21 12.66 -32.24
CA PRO D 100 -13.10 12.60 -33.69
C PRO D 100 -13.06 11.17 -34.24
N GLN D 101 -13.51 11.02 -35.48
CA GLN D 101 -13.49 9.76 -36.21
C GLN D 101 -12.08 9.22 -36.49
N GLY D 102 -11.06 9.74 -35.82
CA GLY D 102 -9.71 9.22 -36.06
C GLY D 102 -8.68 9.83 -35.14
N VAL D 103 -9.14 10.37 -34.03
CA VAL D 103 -8.23 10.99 -33.11
C VAL D 103 -7.07 10.07 -32.68
N PHE D 104 -7.23 8.75 -32.82
CA PHE D 104 -6.14 7.84 -32.48
C PHE D 104 -5.71 6.90 -33.59
N GLU D 105 -5.86 7.35 -34.82
CA GLU D 105 -5.46 6.56 -35.96
C GLU D 105 -3.96 6.63 -36.25
N LYS D 106 -3.29 7.63 -35.69
CA LYS D 106 -1.85 7.75 -35.88
C LYS D 106 -1.00 7.52 -34.64
N LEU D 107 -1.63 7.22 -33.49
CA LEU D 107 -0.93 7.09 -32.20
C LEU D 107 -0.60 5.64 -31.88
N THR D 108 0.18 5.01 -32.74
CA THR D 108 0.39 3.57 -32.65
C THR D 108 1.32 3.21 -31.51
N ASN D 109 2.00 4.18 -30.90
CA ASN D 109 2.93 3.86 -29.80
C ASN D 109 2.28 4.05 -28.44
N LEU D 110 0.97 4.21 -28.42
CA LEU D 110 0.29 4.57 -27.22
C LEU D 110 0.10 3.32 -26.36
N THR D 111 0.39 3.46 -25.07
CA THR D 111 0.26 2.31 -24.14
C THR D 111 -0.65 2.61 -22.97
N THR D 112 -0.86 3.87 -22.63
CA THR D 112 -1.78 4.23 -21.58
C THR D 112 -2.70 5.33 -22.04
N LEU D 113 -3.99 5.12 -21.90
CA LEU D 113 -4.96 6.09 -22.33
C LEU D 113 -6.03 6.21 -21.26
N ASN D 114 -6.13 7.37 -20.66
CA ASN D 114 -7.09 7.58 -19.61
C ASN D 114 -8.12 8.62 -20.01
N LEU D 115 -9.35 8.16 -20.28
CA LEU D 115 -10.43 9.03 -20.68
C LEU D 115 -11.49 9.17 -19.59
N SER D 116 -11.11 8.90 -18.34
CA SER D 116 -12.08 8.81 -17.25
C SER D 116 -12.67 10.18 -16.90
N ASN D 117 -13.76 10.20 -16.14
CA ASN D 117 -14.37 11.43 -15.68
C ASN D 117 -14.60 12.43 -16.80
N ASN D 118 -15.08 11.93 -17.93
CA ASN D 118 -15.56 12.78 -18.99
C ASN D 118 -17.07 12.69 -19.18
N GLN D 119 -17.59 13.23 -20.29
CA GLN D 119 -18.99 13.20 -20.61
C GLN D 119 -19.27 12.33 -21.85
N LEU D 120 -18.36 11.41 -22.19
CA LEU D 120 -18.55 10.55 -23.37
C LEU D 120 -19.74 9.65 -23.21
N THR D 121 -20.54 9.54 -24.26
CA THR D 121 -21.76 8.76 -24.20
C THR D 121 -21.79 7.65 -25.26
N SER D 122 -20.87 7.71 -26.23
CA SER D 122 -20.75 6.68 -27.27
C SER D 122 -19.38 6.83 -27.90
N LEU D 123 -18.86 5.77 -28.55
CA LEU D 123 -17.55 5.87 -29.16
C LEU D 123 -17.69 5.67 -30.65
N PRO D 124 -16.96 6.48 -31.44
CA PRO D 124 -16.98 6.23 -32.86
C PRO D 124 -16.62 4.79 -33.22
N GLN D 125 -16.87 4.46 -34.48
CA GLN D 125 -16.62 3.14 -35.00
C GLN D 125 -15.18 3.05 -35.47
N GLY D 126 -14.46 2.06 -34.95
CA GLY D 126 -13.01 1.96 -35.10
C GLY D 126 -12.17 3.01 -34.37
N VAL D 127 -12.56 3.38 -33.16
CA VAL D 127 -11.81 4.33 -32.39
C VAL D 127 -10.44 3.85 -31.91
N PHE D 128 -10.31 2.57 -31.57
CA PHE D 128 -9.04 2.05 -31.04
C PHE D 128 -8.50 0.91 -31.90
N GLU D 129 -8.76 0.96 -33.20
CA GLU D 129 -8.38 -0.12 -34.13
C GLU D 129 -6.89 -0.20 -34.40
N ARG D 130 -6.19 0.94 -34.31
CA ARG D 130 -4.74 1.00 -34.54
C ARG D 130 -3.89 0.77 -33.29
N LEU D 131 -4.40 1.20 -32.15
CA LEU D 131 -3.70 1.06 -30.89
C LEU D 131 -3.41 -0.39 -30.53
N ALA D 132 -2.31 -0.94 -31.03
CA ALA D 132 -1.95 -2.32 -30.74
C ALA D 132 -0.91 -2.45 -29.60
N SER D 133 -0.34 -1.32 -29.21
CA SER D 133 0.63 -1.29 -28.13
C SER D 133 -0.02 -0.88 -26.81
N LEU D 134 -1.35 -0.82 -26.81
CA LEU D 134 -2.09 -0.32 -25.66
C LEU D 134 -2.22 -1.41 -24.62
N THR D 135 -1.98 -1.03 -23.36
CA THR D 135 -2.06 -1.96 -22.24
C THR D 135 -2.92 -1.46 -21.09
N THR D 136 -3.25 -0.17 -21.05
CA THR D 136 -4.16 0.36 -20.05
C THR D 136 -5.15 1.30 -20.71
N LEU D 137 -6.42 1.09 -20.42
CA LEU D 137 -7.44 1.94 -20.97
C LEU D 137 -8.46 2.18 -19.88
N ASN D 138 -8.63 3.44 -19.50
CA ASN D 138 -9.56 3.79 -18.48
C ASN D 138 -10.67 4.65 -19.08
N LEU D 139 -11.86 4.07 -19.20
CA LEU D 139 -13.04 4.77 -19.67
C LEU D 139 -14.06 4.94 -18.58
N SER D 140 -13.61 4.85 -17.32
CA SER D 140 -14.52 4.94 -16.21
C SER D 140 -15.13 6.33 -16.09
N ASN D 141 -16.21 6.40 -15.32
CA ASN D 141 -16.89 7.63 -15.04
C ASN D 141 -17.22 8.42 -16.29
N ASN D 142 -18.01 7.82 -17.15
CA ASN D 142 -18.58 8.51 -18.29
C ASN D 142 -20.08 8.32 -18.39
N ASN D 143 -20.64 8.48 -19.58
CA ASN D 143 -22.03 8.17 -19.83
C ASN D 143 -22.18 7.14 -20.93
N LEU D 144 -21.24 6.20 -20.98
CA LEU D 144 -21.27 5.15 -22.00
C LEU D 144 -22.47 4.26 -21.82
N ALA D 145 -23.30 4.21 -22.86
CA ALA D 145 -24.48 3.37 -22.87
C ALA D 145 -24.54 2.55 -24.14
N ASN D 146 -23.59 2.77 -25.04
CA ASN D 146 -23.58 2.06 -26.29
C ASN D 146 -22.20 1.78 -26.77
N LEU D 147 -21.95 0.50 -27.06
CA LEU D 147 -20.67 0.06 -27.56
C LEU D 147 -20.88 -0.85 -28.73
N ASN D 148 -20.05 -0.68 -29.73
CA ASN D 148 -20.06 -1.52 -30.90
C ASN D 148 -19.32 -2.82 -30.56
N ASP D 149 -19.75 -3.93 -31.16
CA ASP D 149 -19.14 -5.28 -31.00
C ASP D 149 -17.65 -5.38 -31.30
N LYS D 150 -17.16 -4.53 -32.20
CA LYS D 150 -15.76 -4.45 -32.53
C LYS D 150 -15.05 -3.21 -31.94
N VAL D 151 -15.51 -2.73 -30.80
CA VAL D 151 -14.95 -1.52 -30.18
C VAL D 151 -13.58 -1.71 -29.51
N PHE D 152 -13.34 -2.90 -28.99
CA PHE D 152 -12.04 -3.24 -28.40
C PHE D 152 -11.24 -4.25 -29.21
N GLU D 153 -11.68 -4.48 -30.45
CA GLU D 153 -10.97 -5.31 -31.40
C GLU D 153 -9.63 -4.67 -31.74
N GLY D 154 -8.57 -5.48 -31.64
CA GLY D 154 -7.23 -5.02 -31.96
C GLY D 154 -6.47 -4.43 -30.78
N LEU D 155 -7.06 -4.47 -29.59
CA LEU D 155 -6.34 -4.26 -28.34
C LEU D 155 -5.84 -5.58 -27.77
N THR D 156 -5.01 -6.26 -28.56
CA THR D 156 -4.55 -7.64 -28.24
C THR D 156 -3.59 -7.67 -27.06
N ASN D 157 -2.96 -6.54 -26.77
CA ASN D 157 -2.03 -6.46 -25.65
C ASN D 157 -2.61 -5.75 -24.46
N LEU D 158 -3.91 -5.47 -24.49
CA LEU D 158 -4.55 -4.77 -23.40
C LEU D 158 -4.51 -5.67 -22.19
N THR D 159 -4.15 -5.10 -21.04
CA THR D 159 -4.17 -5.84 -19.77
C THR D 159 -5.07 -5.26 -18.68
N THR D 160 -5.41 -3.98 -18.78
CA THR D 160 -6.28 -3.34 -17.82
C THR D 160 -7.34 -2.53 -18.56
N LEU D 161 -8.59 -2.78 -18.22
CA LEU D 161 -9.71 -2.10 -18.84
C LEU D 161 -10.63 -1.69 -17.73
N ASN D 162 -10.90 -0.41 -17.62
CA ASN D 162 -11.77 0.08 -16.58
C ASN D 162 -13.01 0.72 -17.20
N LEU D 163 -14.16 0.11 -16.96
CA LEU D 163 -15.40 0.62 -17.48
C LEU D 163 -16.37 0.91 -16.38
N SER D 164 -15.89 1.28 -15.19
CA SER D 164 -16.79 1.60 -14.05
C SER D 164 -17.61 2.87 -14.22
N ASN D 165 -18.69 2.99 -13.45
CA ASN D 165 -19.52 4.19 -13.45
C ASN D 165 -19.88 4.62 -14.87
N ASN D 166 -20.61 3.76 -15.55
CA ASN D 166 -21.16 4.07 -16.87
C ASN D 166 -22.60 3.60 -16.94
N ASN D 167 -23.14 3.43 -18.14
CA ASN D 167 -24.49 2.95 -18.28
C ASN D 167 -24.61 1.84 -19.35
N LEU D 168 -23.90 0.74 -19.14
CA LEU D 168 -23.86 -0.35 -20.10
C LEU D 168 -24.64 -1.59 -19.67
N ALA D 169 -25.65 -1.38 -18.82
CA ALA D 169 -26.50 -2.48 -18.36
C ALA D 169 -27.30 -3.14 -19.47
N ARG D 170 -27.90 -2.31 -20.32
CA ARG D 170 -28.78 -2.78 -21.36
C ARG D 170 -28.05 -3.52 -22.46
N LEU D 171 -26.73 -3.42 -22.51
CA LEU D 171 -25.94 -4.15 -23.50
C LEU D 171 -25.89 -5.64 -23.25
N TRP D 172 -26.29 -6.07 -22.06
CA TRP D 172 -26.24 -7.49 -21.71
C TRP D 172 -27.60 -8.08 -21.38
N LYS D 173 -28.61 -7.58 -22.06
CA LYS D 173 -29.97 -8.05 -21.85
C LYS D 173 -30.33 -8.87 -23.05
N HIS D 174 -30.80 -10.08 -22.76
CA HIS D 174 -31.37 -10.92 -23.81
C HIS D 174 -32.48 -10.17 -24.51
N ALA D 175 -33.16 -9.28 -23.80
CA ALA D 175 -34.27 -8.59 -24.39
C ALA D 175 -33.72 -7.49 -25.27
N ASN D 176 -32.41 -7.51 -25.52
CA ASN D 176 -31.78 -6.36 -26.17
C ASN D 176 -31.78 -6.40 -27.72
N PRO D 177 -32.10 -5.27 -28.38
CA PRO D 177 -32.17 -5.28 -29.86
C PRO D 177 -30.86 -5.72 -30.57
N GLY D 178 -30.86 -6.96 -31.05
CA GLY D 178 -29.64 -7.64 -31.50
C GLY D 178 -29.00 -8.53 -30.45
N GLY D 179 -29.75 -8.89 -29.39
CA GLY D 179 -29.22 -9.79 -28.37
C GLY D 179 -28.09 -9.13 -27.59
N PRO D 180 -27.29 -9.93 -26.84
CA PRO D 180 -26.20 -9.25 -26.15
C PRO D 180 -24.99 -8.97 -27.03
N ILE D 181 -24.36 -7.85 -26.77
CA ILE D 181 -23.19 -7.49 -27.49
C ILE D 181 -21.97 -7.94 -26.73
N TYR D 182 -21.13 -8.72 -27.38
CA TYR D 182 -19.98 -9.34 -26.72
C TYR D 182 -18.73 -8.50 -26.95
N PHE D 183 -18.68 -7.38 -26.23
CA PHE D 183 -17.64 -6.39 -26.49
C PHE D 183 -16.33 -6.73 -25.82
N LEU D 184 -16.18 -7.95 -25.30
CA LEU D 184 -14.91 -8.38 -24.74
C LEU D 184 -14.28 -9.54 -25.50
N LYS D 185 -14.69 -9.76 -26.75
CA LYS D 185 -14.06 -10.79 -27.58
C LYS D 185 -12.58 -10.48 -27.81
N GLY D 186 -11.78 -11.55 -27.73
CA GLY D 186 -10.37 -11.48 -28.05
C GLY D 186 -9.53 -10.55 -27.17
N LEU D 187 -9.88 -10.46 -25.88
CA LEU D 187 -9.01 -9.85 -24.87
C LEU D 187 -8.29 -10.92 -24.05
N THR D 188 -7.57 -11.72 -24.82
CA THR D 188 -6.86 -12.86 -24.33
C THR D 188 -5.86 -12.52 -23.23
N ASN D 189 -5.33 -11.29 -23.24
CA ASN D 189 -4.33 -10.89 -22.27
C ASN D 189 -4.81 -9.98 -21.22
N LEU D 190 -6.10 -9.71 -21.22
CA LEU D 190 -6.66 -8.85 -20.19
C LEU D 190 -6.53 -9.51 -18.84
N THR D 191 -6.11 -8.75 -17.85
CA THR D 191 -5.92 -9.30 -16.50
C THR D 191 -6.73 -8.60 -15.44
N THR D 192 -7.10 -7.35 -15.66
CA THR D 192 -7.89 -6.58 -14.73
C THR D 192 -9.04 -5.94 -15.47
N LEU D 193 -10.26 -6.14 -14.96
CA LEU D 193 -11.46 -5.62 -15.61
C LEU D 193 -12.35 -5.07 -14.55
N ASN D 194 -12.80 -3.84 -14.71
CA ASN D 194 -13.67 -3.21 -13.74
C ASN D 194 -14.99 -2.83 -14.38
N LEU D 195 -16.05 -3.57 -14.06
CA LEU D 195 -17.36 -3.32 -14.61
C LEU D 195 -18.31 -2.86 -13.53
N SER D 196 -17.78 -2.32 -12.43
CA SER D 196 -18.66 -1.88 -11.33
C SER D 196 -19.51 -0.69 -11.74
N ASN D 197 -20.57 -0.46 -10.97
CA ASN D 197 -21.43 0.69 -11.14
C ASN D 197 -21.87 0.89 -12.61
N ASN D 198 -22.51 -0.12 -13.18
CA ASN D 198 -23.09 -0.01 -14.52
C ASN D 198 -24.57 -0.33 -14.56
N GLY D 199 -25.10 -1.02 -13.55
CA GLY D 199 -26.51 -1.33 -13.49
C GLY D 199 -26.81 -2.70 -14.05
N PHE D 200 -25.83 -3.59 -14.05
CA PHE D 200 -25.99 -4.92 -14.59
C PHE D 200 -26.87 -5.82 -13.66
N ASP D 201 -27.89 -6.40 -14.28
CA ASP D 201 -28.84 -7.28 -13.61
C ASP D 201 -28.65 -8.74 -14.05
N GLU D 202 -28.20 -8.91 -15.30
CA GLU D 202 -28.16 -10.21 -15.96
C GLU D 202 -26.92 -10.14 -16.80
N PHE D 203 -26.29 -11.27 -17.03
CA PHE D 203 -25.22 -11.32 -18.00
C PHE D 203 -24.99 -12.74 -18.46
N PRO D 204 -24.83 -12.93 -19.77
CA PRO D 204 -24.66 -14.29 -20.26
C PRO D 204 -23.31 -14.78 -19.81
N LYS D 205 -23.07 -16.08 -19.98
CA LYS D 205 -21.80 -16.71 -19.64
C LYS D 205 -20.77 -16.45 -20.71
N GLU D 206 -21.24 -16.23 -21.92
CA GLU D 206 -20.31 -16.00 -23.02
C GLU D 206 -19.41 -14.77 -22.76
N VAL D 207 -20.01 -13.70 -22.24
CA VAL D 207 -19.35 -12.40 -22.21
C VAL D 207 -17.88 -12.53 -21.81
N PHE D 208 -17.56 -13.35 -20.80
CA PHE D 208 -16.18 -13.52 -20.35
C PHE D 208 -15.48 -14.75 -20.97
N LYS D 209 -15.94 -15.17 -22.15
CA LYS D 209 -15.45 -16.41 -22.76
C LYS D 209 -13.96 -16.39 -23.21
N ASP D 210 -13.39 -15.21 -23.42
CA ASP D 210 -12.04 -15.13 -23.93
C ASP D 210 -11.01 -14.66 -22.88
N LEU D 211 -11.48 -14.18 -21.74
CA LEU D 211 -10.63 -13.56 -20.73
C LEU D 211 -9.89 -14.60 -19.91
N THR D 212 -8.94 -15.28 -20.54
CA THR D 212 -8.27 -16.41 -19.89
C THR D 212 -7.17 -15.93 -18.96
N SER D 213 -6.56 -14.78 -19.23
CA SER D 213 -5.54 -14.27 -18.34
C SER D 213 -6.12 -13.48 -17.17
N LEU D 214 -7.43 -13.41 -17.09
CA LEU D 214 -8.08 -12.57 -16.09
C LEU D 214 -7.82 -13.02 -14.66
N THR D 215 -7.36 -12.08 -13.85
CA THR D 215 -7.08 -12.34 -12.44
C THR D 215 -7.95 -11.52 -11.54
N THR D 216 -8.43 -10.39 -12.01
CA THR D 216 -9.21 -9.49 -11.17
C THR D 216 -10.46 -9.06 -11.88
N LEU D 217 -11.60 -9.28 -11.27
CA LEU D 217 -12.86 -8.88 -11.89
C LEU D 217 -13.68 -8.17 -10.86
N ASN D 218 -14.05 -6.93 -11.15
CA ASN D 218 -14.89 -6.19 -10.24
C ASN D 218 -16.27 -6.03 -10.82
N LEU D 219 -17.27 -6.63 -10.19
CA LEU D 219 -18.65 -6.44 -10.59
C LEU D 219 -19.48 -5.83 -9.47
N SER D 220 -18.83 -5.15 -8.54
CA SER D 220 -19.55 -4.61 -7.39
C SER D 220 -20.50 -3.54 -7.84
N ASN D 221 -21.46 -3.23 -6.97
CA ASN D 221 -22.39 -2.12 -7.20
C ASN D 221 -23.24 -2.17 -8.45
N ASN D 222 -23.49 -3.37 -8.92
CA ASN D 222 -24.40 -3.52 -10.03
C ASN D 222 -25.75 -3.94 -9.49
N GLN D 223 -26.59 -4.49 -10.35
CA GLN D 223 -27.93 -4.81 -9.96
C GLN D 223 -28.10 -6.31 -10.24
N LEU D 224 -27.05 -7.07 -9.96
CA LEU D 224 -27.05 -8.49 -10.17
C LEU D 224 -27.72 -9.22 -9.04
N THR D 225 -28.59 -10.14 -9.43
CA THR D 225 -29.35 -10.96 -8.49
C THR D 225 -28.98 -12.45 -8.48
N SER D 226 -28.20 -12.82 -9.50
CA SER D 226 -27.67 -14.16 -9.63
C SER D 226 -26.58 -14.17 -10.67
N LEU D 227 -25.81 -15.26 -10.68
CA LEU D 227 -24.78 -15.48 -11.69
C LEU D 227 -25.05 -16.75 -12.46
N PRO D 228 -24.56 -16.81 -13.68
CA PRO D 228 -24.64 -18.04 -14.42
C PRO D 228 -23.58 -19.05 -13.99
N GLN D 229 -23.78 -20.30 -14.38
CA GLN D 229 -22.79 -21.33 -14.15
C GLN D 229 -21.80 -21.42 -15.30
N GLY D 230 -20.58 -21.84 -14.99
CA GLY D 230 -19.56 -22.07 -16.00
C GLY D 230 -18.55 -20.94 -16.13
N VAL D 231 -18.85 -19.80 -15.52
CA VAL D 231 -17.96 -18.64 -15.54
C VAL D 231 -16.64 -18.89 -14.83
N PHE D 232 -16.67 -19.35 -13.59
CA PHE D 232 -15.45 -19.62 -12.83
C PHE D 232 -14.62 -20.73 -13.47
N GLU D 233 -15.28 -21.72 -14.06
CA GLU D 233 -14.59 -22.81 -14.77
C GLU D 233 -13.69 -22.29 -15.89
N ARG D 234 -14.11 -21.23 -16.56
CA ARG D 234 -13.36 -20.61 -17.65
C ARG D 234 -12.22 -19.68 -17.18
N LEU D 235 -12.50 -18.91 -16.15
CA LEU D 235 -11.55 -17.94 -15.67
C LEU D 235 -10.59 -18.58 -14.68
N THR D 236 -9.74 -19.45 -15.18
CA THR D 236 -8.90 -20.28 -14.35
C THR D 236 -7.89 -19.50 -13.52
N ASN D 237 -7.58 -18.27 -13.90
CA ASN D 237 -6.60 -17.47 -13.17
C ASN D 237 -7.21 -16.41 -12.31
N LEU D 238 -8.50 -16.50 -12.07
CA LEU D 238 -9.18 -15.48 -11.31
C LEU D 238 -8.80 -15.62 -9.84
N LYS D 239 -8.41 -14.51 -9.23
CA LYS D 239 -8.09 -14.49 -7.81
C LYS D 239 -8.99 -13.52 -7.00
N THR D 240 -9.41 -12.44 -7.62
CA THR D 240 -10.16 -11.43 -6.94
C THR D 240 -11.43 -11.19 -7.69
N LEU D 241 -12.54 -11.36 -6.99
CA LEU D 241 -13.82 -11.15 -7.61
C LEU D 241 -14.65 -10.34 -6.65
N ASN D 242 -14.93 -9.08 -6.98
CA ASN D 242 -15.69 -8.24 -6.09
C ASN D 242 -17.16 -8.21 -6.54
N LEU D 243 -18.04 -8.77 -5.71
CA LEU D 243 -19.46 -8.77 -6.00
C LEU D 243 -20.27 -7.97 -5.03
N SER D 244 -19.62 -7.12 -4.23
CA SER D 244 -20.35 -6.32 -3.23
C SER D 244 -21.40 -5.43 -3.88
N ASN D 245 -22.32 -4.95 -3.06
CA ASN D 245 -23.38 -4.03 -3.49
C ASN D 245 -24.20 -4.64 -4.62
N ASN D 246 -24.56 -5.90 -4.48
CA ASN D 246 -25.43 -6.54 -5.40
C ASN D 246 -26.54 -7.31 -4.65
N GLN D 247 -27.65 -7.51 -5.35
CA GLN D 247 -28.80 -8.13 -4.72
C GLN D 247 -28.39 -9.48 -4.19
N LEU D 248 -27.79 -10.28 -5.06
CA LEU D 248 -27.29 -11.59 -4.68
C LEU D 248 -26.33 -11.49 -3.48
N GLN D 249 -25.88 -10.29 -3.12
CA GLN D 249 -25.05 -10.12 -1.92
C GLN D 249 -25.73 -10.62 -0.62
N SER D 250 -26.95 -10.15 -0.40
CA SER D 250 -27.75 -10.43 0.78
C SER D 250 -29.07 -11.17 0.44
N LEU D 251 -29.86 -10.62 -0.48
CA LEU D 251 -31.11 -11.27 -0.90
C LEU D 251 -30.83 -12.73 -1.33
N PRO D 252 -31.62 -13.69 -0.79
CA PRO D 252 -31.47 -15.06 -1.19
C PRO D 252 -32.34 -15.36 -2.41
S SO4 E . -29.44 21.05 12.62
O1 SO4 E . -28.81 20.12 13.61
O2 SO4 E . -30.88 21.27 12.90
O3 SO4 E . -28.82 22.39 12.72
O4 SO4 E . -29.22 20.44 11.27
S SO4 F . -7.69 6.89 23.54
O1 SO4 F . -7.57 5.63 24.32
O2 SO4 F . -9.12 7.12 23.18
O3 SO4 F . -7.19 7.97 24.44
O4 SO4 F . -6.88 6.87 22.27
#